data_8FTI
#
_entry.id   8FTI
#
_cell.length_a   1.00
_cell.length_b   1.00
_cell.length_c   1.00
_cell.angle_alpha   90.00
_cell.angle_beta   90.00
_cell.angle_gamma   90.00
#
_symmetry.space_group_name_H-M   'P 1'
#
loop_
_entity.id
_entity.type
_entity.pdbx_description
1 polymer Integrase
2 polymer 'crRNA-linker-target hairpin RNA'
#
loop_
_entity_poly.entity_id
_entity_poly.type
_entity_poly.pdbx_seq_one_letter_code
_entity_poly.pdbx_strand_id
1 'polypeptide(L)'
;MAQVSKQTSKKRELSIDEYQGARKWCFTIAFNKALVNRDKNDGLFVESLLRHEKYSKHDWYDEDTRALIKCSTQAANAKA
EALANYFSAYRHSPGCLTFTAEDELRTIMERAYERAIFECRRRETEVIIEFPSLFEGDRITTAGVVFFVSFFVERRVLDR
LYGAVSGLKKNEGQYKLTRKALSMYCLKDSRFTKAWDKRVLLFRDILAQLGRIPAEAYEYYHGEQGDKKRANDNEGTNPK
RHKDKFIEFALHYLEAQHSEICFGRRHIVREEAGAGDEHKKHRTKGKVVVDFSKKDEDQSYYISKNNVIVRIDKNAGPRS
YRMGLNELKYLVLLSLQGKGDDAIAKLYRYRQHVENILDVVKVTDKDNHVFLPRFVLEQHGIGRKAFKQRIDGRVKHVRG
VWEKKKAATNEMTLHEKARDILQYVNENCTRSFNPGEYNRLLVCLVGKDVENFQAGLKRLQLAERIDGRVYSIFAQTSTI
NEMHQVVCDQILNRLCRIGDQKLYDYVGLGKKDEIDYKQKVAWFKEHISIRRGFLRKKFWYDSKKGFAKLVEEHLESGGG
QRDVGLDKKYYHIDAIGRFEGANPALYETLARDRLCLMMAQYFLGSVRKELGNKIVWSNDSIELPVEGSVGNEKSIVFSV
SDYGKLYVLDDAEFLGRICEYFMPHEKGKIRYHTVYEKGFRAYNDLQKKCVEAVLAFEEKVVKAKKMSEKEGAHYIDFRE
ILAQTMCKEAEKTAVNKVARAFFAHHLKFVIDEFGLFSDVMKKYGIEKEWKFPVK
;
A
2 'polyribonucleotide'
;GGAAGAAGAGUUUAUUCAGAUAGAUUUGUCCUUCUUCGGACAAAUCUAUCUGAAUAAACUCUUCUUCGCUGGAGCAGCCC
CCGAUUUGUGGGGUGAUUACAGC
;
B
#
# COMPACT_ATOMS: atom_id res chain seq x y z
N LEU A 14 35.75 -38.00 -5.14
CA LEU A 14 36.92 -37.40 -5.79
C LEU A 14 37.81 -36.72 -4.75
N SER A 15 38.28 -37.49 -3.78
CA SER A 15 39.13 -36.99 -2.69
C SER A 15 38.50 -35.77 -2.02
N ILE A 16 37.21 -35.88 -1.70
CA ILE A 16 36.48 -34.75 -1.11
C ILE A 16 37.08 -34.38 0.25
N ASP A 17 37.35 -35.37 1.09
CA ASP A 17 37.98 -35.10 2.38
C ASP A 17 39.43 -34.67 2.19
N GLU A 18 40.12 -35.27 1.22
CA GLU A 18 41.52 -34.90 0.97
C GLU A 18 41.63 -33.47 0.44
N TYR A 19 40.60 -33.01 -0.26
CA TYR A 19 40.61 -31.64 -0.78
C TYR A 19 40.60 -30.64 0.37
N GLN A 20 41.76 -30.07 0.66
CA GLN A 20 41.93 -29.17 1.79
C GLN A 20 42.99 -28.14 1.45
N GLY A 21 43.20 -27.20 2.37
CA GLY A 21 44.23 -26.20 2.17
C GLY A 21 43.81 -25.17 1.14
N ALA A 22 44.80 -24.56 0.49
CA ALA A 22 44.52 -23.52 -0.49
C ALA A 22 43.90 -24.08 -1.76
N ARG A 23 43.96 -25.40 -1.93
CA ARG A 23 43.48 -26.01 -3.17
C ARG A 23 41.98 -25.85 -3.32
N LYS A 24 41.26 -25.62 -2.22
CA LYS A 24 39.81 -25.42 -2.24
C LYS A 24 39.49 -24.10 -1.55
N TRP A 25 39.17 -23.08 -2.34
CA TRP A 25 38.77 -21.78 -1.82
C TRP A 25 37.58 -21.18 -2.54
N CYS A 26 37.15 -21.77 -3.67
CA CYS A 26 36.03 -21.21 -4.42
C CYS A 26 34.73 -21.33 -3.63
N PHE A 27 34.63 -22.31 -2.75
CA PHE A 27 33.43 -22.44 -1.93
C PHE A 27 33.28 -21.29 -0.95
N THR A 28 34.41 -20.67 -0.57
CA THR A 28 34.37 -19.61 0.42
C THR A 28 33.55 -18.42 -0.08
N ILE A 29 33.84 -17.94 -1.29
CA ILE A 29 33.11 -16.79 -1.82
C ILE A 29 31.65 -17.14 -2.05
N ALA A 30 31.38 -18.38 -2.48
CA ALA A 30 30.00 -18.80 -2.68
C ALA A 30 29.21 -18.74 -1.38
N PHE A 31 29.79 -19.24 -0.30
CA PHE A 31 29.08 -19.20 0.99
C PHE A 31 28.99 -17.77 1.53
N ASN A 32 30.00 -16.95 1.24
CA ASN A 32 29.93 -15.54 1.62
C ASN A 32 28.76 -14.86 0.90
N LYS A 33 28.55 -15.19 -0.37
CA LYS A 33 27.39 -14.65 -1.09
C LYS A 33 26.09 -15.21 -0.54
N ALA A 34 26.10 -16.49 -0.15
CA ALA A 34 24.90 -17.08 0.44
C ALA A 34 24.51 -16.34 1.72
N LEU A 35 25.49 -15.95 2.53
CA LEU A 35 25.20 -15.20 3.75
C LEU A 35 24.54 -13.86 3.44
N VAL A 36 25.06 -13.13 2.45
CA VAL A 36 24.49 -11.81 2.15
C VAL A 36 23.12 -11.96 1.52
N ASN A 37 22.88 -13.07 0.81
CA ASN A 37 21.54 -13.34 0.29
C ASN A 37 20.57 -13.63 1.43
N ARG A 38 21.01 -14.40 2.42
CA ARG A 38 20.18 -14.67 3.60
C ARG A 38 19.85 -13.38 4.33
N ASP A 39 20.83 -12.48 4.45
CA ASP A 39 20.58 -11.20 5.10
C ASP A 39 19.49 -10.41 4.39
N LYS A 40 19.51 -10.42 3.05
CA LYS A 40 18.52 -9.68 2.29
C LYS A 40 17.12 -10.23 2.52
N ASN A 41 16.95 -11.55 2.40
CA ASN A 41 15.66 -12.19 2.59
C ASN A 41 15.87 -13.60 3.12
N ASP A 42 15.15 -13.94 4.20
CA ASP A 42 15.14 -15.29 4.72
C ASP A 42 14.18 -16.21 3.97
N GLY A 43 13.24 -15.65 3.22
CA GLY A 43 12.23 -16.48 2.58
C GLY A 43 12.71 -17.11 1.29
N LEU A 44 13.94 -16.81 0.87
CA LEU A 44 14.44 -17.34 -0.39
C LEU A 44 14.44 -18.86 -0.40
N PHE A 45 14.66 -19.48 0.77
CA PHE A 45 14.56 -20.93 0.87
C PHE A 45 13.18 -21.41 0.47
N VAL A 46 12.14 -20.81 1.04
CA VAL A 46 10.77 -21.20 0.73
C VAL A 46 10.45 -20.92 -0.73
N GLU A 47 10.92 -19.78 -1.24
CA GLU A 47 10.66 -19.44 -2.63
C GLU A 47 11.28 -20.46 -3.58
N SER A 48 12.55 -20.83 -3.32
CA SER A 48 13.22 -21.80 -4.17
C SER A 48 12.55 -23.17 -4.09
N LEU A 49 12.13 -23.57 -2.89
CA LEU A 49 11.44 -24.84 -2.77
C LEU A 49 10.08 -24.81 -3.45
N LEU A 50 9.48 -23.62 -3.54
CA LEU A 50 8.15 -23.46 -4.10
C LEU A 50 8.16 -22.72 -5.45
N ARG A 51 9.20 -22.88 -6.25
CA ARG A 51 9.31 -22.15 -7.50
C ARG A 51 8.17 -22.50 -8.46
N HIS A 52 7.85 -23.79 -8.60
CA HIS A 52 6.91 -24.20 -9.62
C HIS A 52 5.46 -24.12 -9.15
N GLU A 53 5.24 -24.00 -7.84
CA GLU A 53 3.89 -24.15 -7.32
C GLU A 53 3.25 -22.81 -6.97
N LYS A 54 4.04 -21.85 -6.49
CA LYS A 54 3.47 -20.65 -5.90
C LYS A 54 2.64 -19.84 -6.91
N TYR A 55 3.22 -19.52 -8.06
CA TYR A 55 2.53 -18.71 -9.06
C TYR A 55 1.84 -19.56 -10.13
N SER A 56 1.65 -20.85 -9.90
CA SER A 56 1.07 -21.73 -10.91
C SER A 56 -0.12 -22.46 -10.32
N LYS A 57 -0.90 -23.07 -11.22
CA LYS A 57 -2.15 -23.71 -10.81
C LYS A 57 -1.90 -25.00 -10.06
N HIS A 58 -0.98 -25.84 -10.54
CA HIS A 58 -0.81 -27.19 -10.03
C HIS A 58 0.54 -27.30 -9.34
N ASP A 59 0.60 -28.13 -8.30
CA ASP A 59 1.82 -28.39 -7.54
C ASP A 59 2.16 -29.86 -7.63
N TRP A 60 3.41 -30.17 -8.01
CA TRP A 60 3.83 -31.57 -8.03
C TRP A 60 4.24 -32.05 -6.64
N TYR A 61 4.44 -31.12 -5.71
CA TYR A 61 4.74 -31.51 -4.33
C TYR A 61 3.50 -32.13 -3.68
N ASP A 62 3.73 -33.18 -2.90
CA ASP A 62 2.65 -33.82 -2.18
C ASP A 62 2.27 -33.00 -0.95
N GLU A 63 1.09 -33.28 -0.40
CA GLU A 63 0.60 -32.54 0.76
C GLU A 63 1.50 -32.74 1.97
N ASP A 64 1.99 -33.95 2.19
CA ASP A 64 2.93 -34.18 3.29
C ASP A 64 4.24 -33.47 3.04
N THR A 65 4.75 -33.51 1.81
CA THR A 65 5.96 -32.79 1.47
C THR A 65 5.77 -31.29 1.63
N ARG A 66 4.60 -30.77 1.21
CA ARG A 66 4.31 -29.36 1.37
C ARG A 66 4.29 -28.99 2.85
N ALA A 67 3.67 -29.82 3.69
CA ALA A 67 3.63 -29.54 5.12
C ALA A 67 5.04 -29.56 5.71
N LEU A 68 5.87 -30.51 5.28
CA LEU A 68 7.24 -30.57 5.77
C LEU A 68 8.02 -29.33 5.38
N ILE A 69 7.86 -28.88 4.13
CA ILE A 69 8.59 -27.69 3.68
C ILE A 69 8.12 -26.46 4.44
N LYS A 70 6.80 -26.31 4.61
CA LYS A 70 6.28 -25.14 5.31
C LYS A 70 6.69 -25.12 6.77
N CYS A 71 6.70 -26.27 7.42
CA CYS A 71 7.07 -26.32 8.83
C CYS A 71 8.58 -26.14 9.01
N SER A 72 9.37 -26.66 8.07
CA SER A 72 10.82 -26.58 8.15
C SER A 72 11.28 -25.20 7.73
N THR A 73 11.44 -24.31 8.71
CA THR A 73 11.88 -22.94 8.48
C THR A 73 12.83 -22.53 9.59
N GLN A 74 13.86 -21.75 9.24
CA GLN A 74 14.86 -21.14 10.10
C GLN A 74 15.85 -22.16 10.66
N ALA A 75 15.63 -23.47 10.45
CA ALA A 75 16.59 -24.45 10.94
C ALA A 75 17.72 -24.66 9.93
N ALA A 76 17.41 -24.59 8.63
CA ALA A 76 18.40 -24.88 7.61
C ALA A 76 19.51 -23.84 7.60
N ASN A 77 19.17 -22.57 7.85
CA ASN A 77 20.17 -21.52 7.77
C ASN A 77 21.28 -21.73 8.80
N ALA A 78 20.95 -22.32 9.95
CA ALA A 78 21.99 -22.67 10.91
C ALA A 78 22.96 -23.69 10.33
N LYS A 79 22.44 -24.71 9.64
CA LYS A 79 23.31 -25.69 9.00
C LYS A 79 24.17 -25.05 7.93
N ALA A 80 23.59 -24.14 7.14
CA ALA A 80 24.38 -23.43 6.13
C ALA A 80 25.49 -22.63 6.78
N GLU A 81 25.19 -21.91 7.87
CA GLU A 81 26.20 -21.12 8.55
C GLU A 81 27.30 -22.02 9.11
N ALA A 82 26.93 -23.17 9.65
CA ALA A 82 27.93 -24.09 10.17
C ALA A 82 28.85 -24.61 9.05
N LEU A 83 28.27 -24.96 7.90
CA LEU A 83 29.09 -25.44 6.80
C LEU A 83 30.01 -24.35 6.26
N ALA A 84 29.52 -23.10 6.25
CA ALA A 84 30.34 -21.99 5.78
C ALA A 84 31.58 -21.82 6.64
N ASN A 85 31.44 -21.96 7.96
CA ASN A 85 32.60 -21.84 8.84
C ASN A 85 33.62 -22.93 8.56
N TYR A 86 33.16 -24.16 8.37
CA TYR A 86 34.08 -25.26 8.09
C TYR A 86 34.82 -25.04 6.79
N PHE A 87 34.12 -24.62 5.73
CA PHE A 87 34.79 -24.41 4.46
C PHE A 87 35.67 -23.15 4.49
N SER A 88 35.39 -22.23 5.41
CA SER A 88 36.09 -20.96 5.41
C SER A 88 37.53 -21.09 5.87
N ALA A 89 37.77 -21.83 6.96
CA ALA A 89 39.06 -21.84 7.62
C ALA A 89 39.65 -23.24 7.59
N TYR A 90 40.98 -23.31 7.40
CA TYR A 90 41.69 -24.58 7.48
C TYR A 90 41.95 -24.97 8.93
N ARG A 91 41.91 -23.99 9.84
CA ARG A 91 42.39 -24.22 11.20
C ARG A 91 41.43 -25.08 12.01
N HIS A 92 40.14 -24.78 11.98
CA HIS A 92 39.19 -25.35 12.93
C HIS A 92 37.97 -25.93 12.21
N SER A 93 36.98 -26.33 13.02
CA SER A 93 35.70 -26.87 12.59
C SER A 93 35.86 -28.13 11.76
N PRO A 94 36.41 -29.21 12.31
CA PRO A 94 36.63 -30.41 11.48
C PRO A 94 35.40 -31.29 11.32
N GLY A 95 34.55 -31.40 12.34
CA GLY A 95 33.51 -32.41 12.32
C GLY A 95 32.21 -31.93 11.72
N CYS A 96 32.20 -30.71 11.17
CA CYS A 96 30.95 -30.12 10.68
C CYS A 96 30.37 -30.88 9.50
N LEU A 97 31.24 -31.39 8.61
CA LEU A 97 30.75 -31.92 7.34
C LEU A 97 29.83 -33.11 7.52
N THR A 98 30.19 -34.04 8.39
CA THR A 98 29.38 -35.25 8.55
C THR A 98 28.04 -34.91 9.21
N PHE A 99 26.98 -35.54 8.70
CA PHE A 99 25.64 -35.34 9.22
C PHE A 99 24.91 -36.67 9.33
N THR A 100 24.05 -36.78 10.33
CA THR A 100 23.28 -37.99 10.54
C THR A 100 22.15 -38.11 9.52
N ALA A 101 21.87 -39.34 9.10
CA ALA A 101 20.80 -39.57 8.13
C ALA A 101 19.43 -39.37 8.77
N GLU A 102 19.38 -39.25 10.10
CA GLU A 102 18.10 -39.07 10.80
C GLU A 102 17.47 -37.72 10.48
N ASP A 103 18.28 -36.77 10.01
CA ASP A 103 17.80 -35.40 9.84
C ASP A 103 16.66 -35.32 8.83
N GLU A 104 15.68 -34.46 9.14
CA GLU A 104 14.55 -34.25 8.24
C GLU A 104 14.95 -33.49 6.99
N LEU A 105 15.95 -32.61 7.11
CA LEU A 105 16.48 -31.93 5.94
C LEU A 105 16.97 -32.94 4.91
N ARG A 106 17.58 -34.03 5.38
CA ARG A 106 18.03 -35.06 4.47
C ARG A 106 16.87 -35.75 3.78
N THR A 107 15.71 -35.79 4.43
CA THR A 107 14.52 -36.35 3.80
C THR A 107 13.97 -35.40 2.74
N ILE A 108 13.86 -34.11 3.05
CA ILE A 108 13.29 -33.17 2.10
C ILE A 108 14.20 -33.02 0.89
N MET A 109 15.52 -33.08 1.11
CA MET A 109 16.44 -33.04 -0.03
C MET A 109 16.23 -34.23 -0.95
N GLU A 110 16.05 -35.42 -0.37
CA GLU A 110 15.79 -36.59 -1.20
C GLU A 110 14.49 -36.46 -1.97
N ARG A 111 13.44 -35.95 -1.32
CA ARG A 111 12.15 -35.78 -2.01
C ARG A 111 12.28 -34.81 -3.16
N ALA A 112 12.92 -33.66 -2.92
CA ALA A 112 13.09 -32.66 -3.98
C ALA A 112 13.93 -33.19 -5.12
N TYR A 113 15.03 -33.89 -4.80
CA TYR A 113 15.88 -34.46 -5.84
C TYR A 113 15.12 -35.50 -6.65
N GLU A 114 14.32 -36.34 -5.99
CA GLU A 114 13.54 -37.33 -6.71
C GLU A 114 12.54 -36.67 -7.66
N ARG A 115 11.84 -35.63 -7.18
CA ARG A 115 10.90 -34.95 -8.05
C ARG A 115 11.60 -34.29 -9.22
N ALA A 116 12.75 -33.65 -8.97
CA ALA A 116 13.48 -32.98 -10.04
C ALA A 116 13.97 -33.98 -11.09
N ILE A 117 14.50 -35.13 -10.64
CA ILE A 117 14.99 -36.10 -11.59
C ILE A 117 13.84 -36.73 -12.37
N PHE A 118 12.67 -36.89 -11.73
CA PHE A 118 11.51 -37.37 -12.47
C PHE A 118 11.09 -36.35 -13.53
N GLU A 119 11.11 -35.06 -13.19
CA GLU A 119 10.77 -34.03 -14.16
C GLU A 119 11.75 -34.03 -15.33
N CYS A 120 13.04 -34.20 -15.04
CA CYS A 120 14.02 -34.31 -16.11
C CYS A 120 13.80 -35.57 -16.94
N ARG A 121 13.35 -36.65 -16.29
CA ARG A 121 13.10 -37.89 -17.00
C ARG A 121 11.85 -37.78 -17.87
N ARG A 122 10.98 -36.81 -17.57
CA ARG A 122 9.87 -36.52 -18.49
C ARG A 122 10.41 -36.20 -19.87
N ARG A 123 11.59 -35.59 -19.93
CA ARG A 123 12.35 -35.56 -21.18
C ARG A 123 12.93 -36.96 -21.43
N GLU A 124 12.37 -37.64 -22.41
CA GLU A 124 12.67 -39.05 -22.65
C GLU A 124 13.90 -39.27 -23.51
N THR A 125 14.81 -38.30 -23.59
CA THR A 125 15.98 -38.43 -24.45
C THR A 125 16.94 -39.50 -23.93
N GLU A 126 17.28 -39.46 -22.65
CA GLU A 126 18.25 -40.38 -22.06
C GLU A 126 17.72 -40.94 -20.76
N VAL A 127 17.78 -42.27 -20.61
CA VAL A 127 17.44 -42.95 -19.36
C VAL A 127 18.51 -43.93 -18.94
N ILE A 128 19.60 -44.05 -19.70
CA ILE A 128 20.56 -45.13 -19.51
C ILE A 128 21.36 -44.95 -18.22
N ILE A 129 21.80 -43.73 -17.94
CA ILE A 129 22.78 -43.48 -16.89
C ILE A 129 22.14 -42.69 -15.76
N GLU A 130 22.35 -43.16 -14.52
CA GLU A 130 21.80 -42.48 -13.36
C GLU A 130 22.65 -41.26 -12.98
N PHE A 131 21.98 -40.16 -12.68
CA PHE A 131 22.68 -38.95 -12.28
C PHE A 131 23.16 -39.06 -10.84
N PRO A 132 24.46 -38.84 -10.60
CA PRO A 132 24.98 -39.01 -9.24
C PRO A 132 24.73 -37.81 -8.34
N SER A 133 23.98 -38.03 -7.26
CA SER A 133 23.75 -37.02 -6.23
C SER A 133 23.76 -37.62 -4.83
N LEU A 134 24.05 -38.91 -4.70
CA LEU A 134 23.98 -39.57 -3.41
C LEU A 134 25.11 -39.10 -2.50
N PHE A 135 24.83 -39.08 -1.21
CA PHE A 135 25.84 -38.86 -0.17
C PHE A 135 26.12 -40.19 0.50
N GLU A 136 27.41 -40.53 0.62
CA GLU A 136 27.83 -41.83 1.13
C GLU A 136 27.69 -41.83 2.65
N GLY A 137 26.64 -42.50 3.13
CA GLY A 137 26.43 -42.61 4.57
C GLY A 137 26.32 -41.24 5.23
N ASP A 138 27.00 -41.09 6.36
CA ASP A 138 26.96 -39.82 7.09
C ASP A 138 27.65 -38.71 6.31
N ARG A 139 28.72 -39.05 5.60
CA ARG A 139 29.46 -38.05 4.84
C ARG A 139 28.67 -37.58 3.62
N ILE A 140 28.96 -36.37 3.19
CA ILE A 140 28.31 -35.75 2.03
C ILE A 140 29.38 -35.36 1.03
N THR A 141 29.16 -35.72 -0.24
CA THR A 141 30.13 -35.40 -1.28
C THR A 141 29.92 -33.96 -1.77
N THR A 142 30.72 -33.58 -2.76
CA THR A 142 30.60 -32.25 -3.33
C THR A 142 29.26 -32.06 -4.03
N ALA A 143 28.66 -33.17 -4.50
CA ALA A 143 27.34 -33.06 -5.12
C ALA A 143 26.31 -32.59 -4.12
N GLY A 144 26.34 -33.14 -2.89
CA GLY A 144 25.41 -32.67 -1.87
C GLY A 144 25.63 -31.20 -1.53
N VAL A 145 26.90 -30.79 -1.44
CA VAL A 145 27.20 -29.40 -1.13
C VAL A 145 26.66 -28.48 -2.21
N VAL A 146 26.90 -28.81 -3.48
CA VAL A 146 26.46 -27.93 -4.56
C VAL A 146 24.93 -27.92 -4.64
N PHE A 147 24.30 -29.06 -4.37
CA PHE A 147 22.84 -29.09 -4.35
C PHE A 147 22.29 -28.19 -3.24
N PHE A 148 22.91 -28.24 -2.06
CA PHE A 148 22.44 -27.39 -0.97
C PHE A 148 22.67 -25.91 -1.26
N VAL A 149 23.83 -25.57 -1.83
CA VAL A 149 24.13 -24.17 -2.10
C VAL A 149 23.39 -23.69 -3.35
N SER A 150 22.75 -24.61 -4.06
CA SER A 150 21.89 -24.20 -5.17
C SER A 150 20.81 -23.23 -4.68
N PHE A 151 20.27 -23.47 -3.50
CA PHE A 151 19.39 -22.51 -2.86
C PHE A 151 20.22 -21.35 -2.33
N PHE A 152 19.58 -20.20 -2.13
CA PHE A 152 20.16 -18.96 -1.60
C PHE A 152 21.06 -18.24 -2.61
N VAL A 153 21.23 -18.76 -3.82
CA VAL A 153 22.10 -18.14 -4.81
C VAL A 153 21.36 -18.02 -6.13
N GLU A 154 21.96 -17.28 -7.07
CA GLU A 154 21.37 -17.13 -8.40
C GLU A 154 22.04 -18.09 -9.39
N ARG A 155 21.66 -17.94 -10.67
CA ARG A 155 22.06 -18.92 -11.67
C ARG A 155 23.52 -18.79 -12.07
N ARG A 156 24.00 -17.56 -12.27
CA ARG A 156 25.34 -17.35 -12.80
C ARG A 156 26.41 -17.83 -11.83
N VAL A 157 26.26 -17.53 -10.54
CA VAL A 157 27.24 -18.00 -9.55
C VAL A 157 27.22 -19.52 -9.46
N LEU A 158 26.04 -20.12 -9.54
CA LEU A 158 25.95 -21.57 -9.55
C LEU A 158 26.66 -22.17 -10.75
N ASP A 159 26.52 -21.53 -11.91
CA ASP A 159 27.23 -22.00 -13.10
C ASP A 159 28.74 -21.87 -12.94
N ARG A 160 29.20 -20.76 -12.36
CA ARG A 160 30.63 -20.60 -12.13
C ARG A 160 31.16 -21.66 -11.19
N LEU A 161 30.44 -21.94 -10.11
CA LEU A 161 30.83 -23.02 -9.20
C LEU A 161 30.76 -24.37 -9.89
N TYR A 162 29.85 -24.51 -10.85
CA TYR A 162 29.75 -25.74 -11.62
C TYR A 162 30.90 -25.87 -12.61
N GLY A 163 31.74 -24.83 -12.71
CA GLY A 163 32.83 -24.85 -13.65
C GLY A 163 33.88 -25.89 -13.32
N ALA A 164 35.06 -25.71 -13.92
CA ALA A 164 36.13 -26.70 -13.80
C ALA A 164 36.63 -26.86 -12.38
N VAL A 165 36.23 -25.97 -11.45
CA VAL A 165 36.62 -26.14 -10.05
C VAL A 165 36.09 -27.46 -9.51
N SER A 166 34.83 -27.76 -9.79
CA SER A 166 34.27 -29.06 -9.43
C SER A 166 34.59 -30.08 -10.52
N GLY A 167 34.84 -31.32 -10.10
CA GLY A 167 35.21 -32.35 -11.06
C GLY A 167 34.03 -32.85 -11.88
N LEU A 168 32.82 -32.46 -11.49
CA LEU A 168 31.63 -32.91 -12.21
C LEU A 168 31.51 -32.25 -13.57
N LYS A 169 32.25 -31.15 -13.79
CA LYS A 169 32.07 -30.35 -15.00
C LYS A 169 32.44 -31.13 -16.25
N LYS A 170 33.21 -32.21 -16.11
CA LYS A 170 33.67 -32.97 -17.27
C LYS A 170 32.48 -33.41 -18.13
N ASN A 171 32.58 -33.11 -19.42
CA ASN A 171 31.45 -33.33 -20.32
C ASN A 171 31.34 -34.79 -20.73
N GLU A 172 30.13 -35.33 -20.58
CA GLU A 172 29.79 -36.66 -21.10
C GLU A 172 28.36 -36.59 -21.64
N GLY A 173 27.87 -37.76 -22.08
CA GLY A 173 26.48 -37.85 -22.50
C GLY A 173 25.52 -37.56 -21.35
N GLN A 174 25.93 -37.90 -20.13
CA GLN A 174 25.08 -37.68 -18.97
C GLN A 174 25.23 -36.28 -18.40
N TYR A 175 26.18 -35.51 -18.94
CA TYR A 175 26.52 -34.21 -18.33
C TYR A 175 25.36 -33.24 -18.39
N LYS A 176 24.63 -33.20 -19.51
CA LYS A 176 23.55 -32.22 -19.67
C LYS A 176 22.45 -32.43 -18.64
N LEU A 177 22.06 -33.69 -18.42
CA LEU A 177 21.02 -33.97 -17.44
C LEU A 177 21.47 -33.64 -16.03
N THR A 178 22.75 -33.87 -15.72
CA THR A 178 23.28 -33.47 -14.43
C THR A 178 23.24 -31.96 -14.26
N ARG A 179 23.54 -31.22 -15.33
CA ARG A 179 23.43 -29.77 -15.28
C ARG A 179 21.99 -29.33 -15.02
N LYS A 180 21.03 -29.97 -15.69
CA LYS A 180 19.63 -29.58 -15.53
C LYS A 180 19.11 -29.90 -14.13
N ALA A 181 19.42 -31.09 -13.63
CA ALA A 181 18.83 -31.53 -12.37
C ALA A 181 19.27 -30.64 -11.20
N LEU A 182 20.56 -30.34 -11.12
CA LEU A 182 21.05 -29.50 -10.04
C LEU A 182 20.51 -28.08 -10.16
N SER A 183 20.35 -27.58 -11.38
CA SER A 183 19.97 -26.18 -11.56
C SER A 183 18.46 -26.01 -11.55
N MET A 184 17.71 -27.11 -11.46
CA MET A 184 16.25 -27.04 -11.50
C MET A 184 15.69 -26.03 -10.50
N TYR A 185 16.16 -26.06 -9.26
CA TYR A 185 15.53 -25.24 -8.23
C TYR A 185 16.25 -23.90 -8.06
N CYS A 186 17.25 -23.63 -8.89
CA CYS A 186 17.92 -22.34 -8.81
C CYS A 186 17.06 -21.25 -9.43
N LEU A 187 17.32 -20.00 -9.04
CA LEU A 187 16.57 -18.85 -9.50
C LEU A 187 17.46 -17.95 -10.35
N LYS A 188 16.92 -17.46 -11.48
CA LYS A 188 17.69 -16.61 -12.37
C LYS A 188 17.93 -15.25 -11.74
N ASP A 189 19.09 -14.66 -12.05
CA ASP A 189 19.46 -13.38 -11.45
C ASP A 189 18.58 -12.26 -11.97
N SER A 190 17.80 -12.53 -13.01
CA SER A 190 16.86 -11.56 -13.54
C SER A 190 15.80 -11.23 -12.49
N ARG A 191 14.89 -10.33 -12.88
CA ARG A 191 13.99 -9.68 -11.93
C ARG A 191 13.44 -10.65 -10.89
N PHE A 192 12.67 -11.65 -11.32
CA PHE A 192 11.84 -12.45 -10.40
C PHE A 192 11.16 -11.54 -9.37
N THR A 193 10.57 -10.46 -9.86
CA THR A 193 10.06 -9.41 -8.98
C THR A 193 8.95 -9.94 -8.08
N LYS A 194 8.91 -9.45 -6.85
CA LYS A 194 7.85 -9.78 -5.91
C LYS A 194 6.62 -8.96 -6.26
N ALA A 195 5.53 -9.65 -6.63
CA ALA A 195 4.40 -8.99 -7.27
C ALA A 195 3.12 -9.03 -6.46
N TRP A 196 3.02 -9.88 -5.44
CA TRP A 196 1.81 -10.00 -4.66
C TRP A 196 1.81 -9.14 -3.40
N ASP A 197 2.75 -8.21 -3.29
CA ASP A 197 2.75 -7.28 -2.17
C ASP A 197 1.55 -6.35 -2.27
N LYS A 198 1.10 -5.85 -1.12
CA LYS A 198 -0.08 -4.99 -1.11
C LYS A 198 0.20 -3.65 -1.77
N ARG A 199 1.37 -3.07 -1.50
CA ARG A 199 1.65 -1.71 -1.97
C ARG A 199 1.71 -1.64 -3.49
N VAL A 200 2.30 -2.64 -4.13
CA VAL A 200 2.34 -2.66 -5.60
C VAL A 200 0.93 -2.78 -6.16
N LEU A 201 0.09 -3.62 -5.56
CA LEU A 201 -1.27 -3.78 -6.05
C LEU A 201 -2.09 -2.51 -5.84
N LEU A 202 -1.70 -1.69 -4.86
CA LEU A 202 -2.32 -0.37 -4.73
C LEU A 202 -1.84 0.57 -5.83
N PHE A 203 -0.54 0.59 -6.08
CA PHE A 203 0.03 1.54 -7.04
C PHE A 203 -0.53 1.31 -8.44
N ARG A 204 -0.57 0.03 -8.87
CA ARG A 204 -1.03 -0.25 -10.22
C ARG A 204 -2.48 0.19 -10.41
N ASP A 205 -3.34 -0.10 -9.43
CA ASP A 205 -4.75 0.25 -9.58
C ASP A 205 -4.95 1.76 -9.50
N ILE A 206 -4.18 2.44 -8.65
CA ILE A 206 -4.31 3.90 -8.59
C ILE A 206 -3.97 4.52 -9.93
N LEU A 207 -2.88 4.06 -10.56
CA LEU A 207 -2.54 4.58 -11.88
C LEU A 207 -3.62 4.25 -12.90
N ALA A 208 -4.11 3.01 -12.89
CA ALA A 208 -5.11 2.61 -13.89
C ALA A 208 -6.39 3.42 -13.75
N GLN A 209 -6.84 3.66 -12.52
CA GLN A 209 -8.06 4.45 -12.33
C GLN A 209 -7.82 5.92 -12.67
N LEU A 210 -6.62 6.44 -12.36
CA LEU A 210 -6.33 7.83 -12.71
C LEU A 210 -6.27 8.01 -14.22
N GLY A 211 -6.07 6.92 -14.97
CA GLY A 211 -6.17 7.02 -16.41
C GLY A 211 -7.58 6.82 -16.94
N ARG A 212 -8.52 7.71 -16.61
CA ARG A 212 -9.91 7.58 -17.03
C ARG A 212 -10.54 8.95 -17.20
N ILE A 213 -11.52 9.01 -18.10
CA ILE A 213 -12.16 10.28 -18.49
C ILE A 213 -13.19 10.67 -17.44
N PRO A 214 -13.22 11.93 -17.00
CA PRO A 214 -14.30 12.36 -16.10
C PRO A 214 -15.65 12.32 -16.81
N ALA A 215 -16.71 12.14 -16.04
CA ALA A 215 -18.03 11.91 -16.62
C ALA A 215 -18.58 13.15 -17.31
N GLU A 216 -18.48 14.31 -16.65
CA GLU A 216 -19.08 15.53 -17.20
C GLU A 216 -18.43 15.92 -18.52
N ALA A 217 -17.10 15.82 -18.61
CA ALA A 217 -16.41 16.14 -19.86
C ALA A 217 -16.69 15.09 -20.91
N TYR A 218 -16.83 13.83 -20.51
CA TYR A 218 -17.16 12.78 -21.47
C TYR A 218 -18.56 12.97 -22.02
N GLU A 219 -19.43 13.65 -21.27
CA GLU A 219 -20.79 13.86 -21.74
C GLU A 219 -20.84 14.81 -22.94
N TYR A 220 -19.84 15.66 -23.09
CA TYR A 220 -19.88 16.64 -24.18
C TYR A 220 -18.77 16.43 -25.19
N TYR A 221 -17.51 16.45 -24.74
CA TYR A 221 -16.39 16.42 -25.67
C TYR A 221 -16.46 15.20 -26.57
N HIS A 222 -16.34 14.01 -26.00
CA HIS A 222 -16.63 12.77 -26.71
C HIS A 222 -18.09 12.39 -26.58
N GLY A 223 -18.91 13.28 -26.01
CA GLY A 223 -20.30 12.94 -25.78
C GLY A 223 -21.05 12.70 -27.07
N GLU A 224 -21.91 11.68 -27.04
CA GLU A 224 -22.74 11.31 -28.18
C GLU A 224 -24.12 11.93 -27.99
N GLN A 225 -24.75 12.32 -29.10
CA GLN A 225 -26.11 12.83 -29.03
C GLN A 225 -27.05 11.80 -28.41
N GLY A 226 -26.80 10.52 -28.65
CA GLY A 226 -27.54 9.44 -28.03
C GLY A 226 -26.64 8.33 -27.53
N ASP A 227 -26.81 7.93 -26.27
CA ASP A 227 -26.00 6.86 -25.71
C ASP A 227 -26.71 6.23 -24.51
N ASP A 233 -17.71 1.46 -26.94
CA ASP A 233 -18.98 1.68 -26.26
C ASP A 233 -18.87 1.32 -24.78
N ASN A 234 -19.36 2.22 -23.92
CA ASN A 234 -19.39 2.04 -22.46
C ASN A 234 -17.95 1.93 -21.97
N GLU A 235 -17.54 0.82 -21.35
CA GLU A 235 -16.19 0.71 -20.83
C GLU A 235 -15.20 0.28 -21.91
N GLY A 236 -15.69 0.05 -23.13
CA GLY A 236 -14.88 -0.61 -24.14
C GLY A 236 -13.58 0.09 -24.47
N THR A 237 -13.66 1.26 -25.12
CA THR A 237 -12.44 1.86 -25.65
C THR A 237 -11.88 2.93 -24.71
N ASN A 238 -12.66 3.98 -24.43
CA ASN A 238 -12.23 5.05 -23.56
C ASN A 238 -13.19 5.11 -22.37
N PRO A 239 -12.82 4.53 -21.23
CA PRO A 239 -13.78 4.35 -20.15
C PRO A 239 -14.19 5.67 -19.51
N LYS A 240 -15.30 5.62 -18.79
CA LYS A 240 -15.80 6.74 -18.01
C LYS A 240 -15.80 6.34 -16.54
N ARG A 241 -15.24 7.20 -15.69
CA ARG A 241 -15.18 6.92 -14.25
C ARG A 241 -16.53 7.26 -13.65
N HIS A 242 -17.31 6.22 -13.32
CA HIS A 242 -18.64 6.44 -12.78
C HIS A 242 -18.58 7.05 -11.37
N LYS A 243 -17.63 6.61 -10.57
CA LYS A 243 -17.51 7.02 -9.18
C LYS A 243 -16.07 7.40 -8.88
N ASP A 244 -15.91 8.26 -7.87
CA ASP A 244 -14.59 8.72 -7.45
C ASP A 244 -14.22 8.04 -6.14
N LYS A 245 -12.96 7.59 -6.06
CA LYS A 245 -12.45 6.88 -4.89
C LYS A 245 -11.28 7.58 -4.24
N PHE A 246 -11.36 8.90 -4.08
CA PHE A 246 -10.28 9.65 -3.43
C PHE A 246 -10.14 9.27 -1.96
N ILE A 247 -11.27 9.09 -1.27
CA ILE A 247 -11.23 8.88 0.17
C ILE A 247 -10.56 7.56 0.52
N GLU A 248 -10.87 6.50 -0.23
CA GLU A 248 -10.31 5.19 0.09
C GLU A 248 -8.80 5.19 0.01
N PHE A 249 -8.24 5.85 -1.01
CA PHE A 249 -6.79 5.89 -1.15
C PHE A 249 -6.17 6.83 -0.12
N ALA A 250 -6.82 7.95 0.15
CA ALA A 250 -6.26 8.90 1.12
C ALA A 250 -6.18 8.26 2.50
N LEU A 251 -7.20 7.50 2.89
CA LEU A 251 -7.16 6.86 4.21
C LEU A 251 -6.06 5.82 4.29
N HIS A 252 -5.87 5.02 3.23
CA HIS A 252 -4.77 4.07 3.21
C HIS A 252 -3.44 4.76 3.37
N TYR A 253 -3.22 5.84 2.62
CA TYR A 253 -1.95 6.55 2.72
C TYR A 253 -1.75 7.10 4.12
N LEU A 254 -2.80 7.69 4.71
CA LEU A 254 -2.66 8.26 6.05
C LEU A 254 -2.33 7.18 7.07
N GLU A 255 -2.96 6.01 6.97
CA GLU A 255 -2.63 4.93 7.89
C GLU A 255 -1.19 4.46 7.70
N ALA A 256 -0.73 4.38 6.45
CA ALA A 256 0.63 3.91 6.19
C ALA A 256 1.67 4.87 6.71
N GLN A 257 1.42 6.18 6.60
CA GLN A 257 2.45 7.16 6.93
C GLN A 257 2.63 7.30 8.44
N HIS A 258 1.54 7.34 9.20
CA HIS A 258 1.59 7.65 10.62
C HIS A 258 1.14 6.45 11.44
N SER A 259 1.45 6.48 12.75
CA SER A 259 1.18 5.32 13.60
C SER A 259 -0.09 5.51 14.42
N GLU A 260 -0.29 6.71 14.97
CA GLU A 260 -1.41 6.93 15.89
C GLU A 260 -2.75 6.73 15.22
N ILE A 261 -2.90 7.21 13.99
CA ILE A 261 -4.20 7.30 13.32
C ILE A 261 -4.65 5.91 12.90
N CYS A 262 -5.87 5.54 13.29
CA CYS A 262 -6.57 4.37 12.79
C CYS A 262 -8.06 4.67 12.75
N PHE A 263 -8.64 4.65 11.55
CA PHE A 263 -10.01 5.11 11.38
C PHE A 263 -11.00 4.01 11.78
N GLY A 264 -12.26 4.42 11.92
CA GLY A 264 -13.29 3.47 12.30
C GLY A 264 -13.71 2.60 11.12
N ARG A 265 -14.22 1.42 11.43
CA ARG A 265 -14.64 0.45 10.43
C ARG A 265 -16.00 -0.10 10.80
N ARG A 266 -16.67 -0.69 9.81
CA ARG A 266 -18.05 -1.15 9.94
C ARG A 266 -18.11 -2.66 9.78
N HIS A 267 -19.03 -3.30 10.50
CA HIS A 267 -19.24 -4.73 10.40
C HIS A 267 -20.71 -5.05 10.66
N ILE A 268 -21.13 -6.23 10.19
CA ILE A 268 -22.51 -6.69 10.32
C ILE A 268 -22.50 -8.04 11.03
N VAL A 269 -23.28 -8.15 12.11
CA VAL A 269 -23.42 -9.38 12.87
C VAL A 269 -24.70 -9.32 13.69
N ARG A 270 -25.26 -10.49 13.96
CA ARG A 270 -26.46 -10.58 14.79
C ARG A 270 -26.52 -11.94 15.48
N LYS A 281 -41.40 -2.63 17.08
CA LYS A 281 -40.42 -3.56 17.61
C LYS A 281 -39.04 -2.92 17.71
N HIS A 282 -38.26 -3.02 16.64
CA HIS A 282 -36.91 -2.45 16.58
C HIS A 282 -36.04 -2.97 17.72
N ARG A 283 -36.13 -4.27 17.97
CA ARG A 283 -35.37 -4.92 19.04
C ARG A 283 -34.52 -6.04 18.45
N THR A 284 -33.25 -6.07 18.81
CA THR A 284 -32.26 -7.10 18.45
C THR A 284 -32.03 -7.17 16.95
N LYS A 285 -32.61 -6.27 16.16
CA LYS A 285 -32.38 -6.25 14.73
C LYS A 285 -30.95 -5.83 14.44
N GLY A 286 -30.35 -6.45 13.41
CA GLY A 286 -28.96 -6.16 13.10
C GLY A 286 -28.76 -4.70 12.73
N LYS A 287 -27.94 -4.02 13.52
CA LYS A 287 -27.58 -2.62 13.28
C LYS A 287 -26.06 -2.52 13.24
N VAL A 288 -25.55 -1.81 12.23
CA VAL A 288 -24.10 -1.70 12.07
C VAL A 288 -23.50 -0.97 13.26
N VAL A 289 -22.32 -1.42 13.67
CA VAL A 289 -21.61 -0.85 14.81
C VAL A 289 -20.23 -0.42 14.35
N VAL A 290 -19.84 0.80 14.72
CA VAL A 290 -18.52 1.29 14.37
C VAL A 290 -17.49 0.80 15.37
N ASP A 291 -16.50 0.05 14.88
CA ASP A 291 -15.46 -0.51 15.74
C ASP A 291 -14.10 -0.27 15.10
N PHE A 292 -13.07 -0.24 15.93
CA PHE A 292 -11.72 0.11 15.48
C PHE A 292 -10.78 -1.08 15.35
N SER A 293 -11.29 -2.30 15.42
CA SER A 293 -10.43 -3.47 15.30
C SER A 293 -9.86 -3.59 13.90
N LYS A 294 -8.59 -3.96 13.81
CA LYS A 294 -7.89 -4.12 12.53
C LYS A 294 -7.65 -5.58 12.16
N LYS A 295 -8.35 -6.51 12.82
CA LYS A 295 -8.04 -7.93 12.65
C LYS A 295 -8.48 -8.44 11.27
N ASP A 296 -9.62 -7.97 10.78
CA ASP A 296 -10.26 -8.53 9.60
C ASP A 296 -9.96 -7.66 8.38
N GLU A 297 -9.55 -8.31 7.28
CA GLU A 297 -9.31 -7.59 6.04
C GLU A 297 -10.61 -7.28 5.32
N ASP A 298 -11.67 -8.05 5.59
CA ASP A 298 -12.94 -7.86 4.90
C ASP A 298 -13.64 -6.58 5.34
N GLN A 299 -13.25 -6.04 6.49
CA GLN A 299 -13.89 -4.83 6.98
C GLN A 299 -13.59 -3.64 6.07
N SER A 300 -14.62 -2.87 5.76
CA SER A 300 -14.52 -1.69 4.90
C SER A 300 -14.81 -0.46 5.73
N TYR A 301 -14.21 0.68 5.34
CA TYR A 301 -14.31 1.88 6.15
C TYR A 301 -15.74 2.40 6.21
N TYR A 302 -15.98 3.32 7.14
CA TYR A 302 -17.29 3.89 7.35
C TYR A 302 -17.31 5.31 6.77
N ILE A 303 -17.92 5.46 5.60
CA ILE A 303 -18.09 6.75 4.95
C ILE A 303 -19.56 6.91 4.60
N SER A 304 -20.18 7.96 5.14
CA SER A 304 -21.58 8.27 4.87
C SER A 304 -21.71 9.75 4.57
N LYS A 305 -21.95 10.07 3.30
CA LYS A 305 -22.03 11.45 2.84
C LYS A 305 -20.74 12.22 3.17
N ASN A 306 -19.61 11.57 2.93
CA ASN A 306 -18.28 12.21 3.01
C ASN A 306 -17.95 12.64 4.44
N ASN A 307 -18.19 11.75 5.41
CA ASN A 307 -17.77 11.96 6.78
C ASN A 307 -17.00 10.73 7.27
N VAL A 308 -15.97 10.96 8.09
CA VAL A 308 -15.14 9.89 8.60
C VAL A 308 -14.94 10.08 10.10
N ILE A 309 -14.48 9.01 10.75
CA ILE A 309 -14.22 8.99 12.19
C ILE A 309 -12.76 8.59 12.41
N VAL A 310 -12.05 9.38 13.21
CA VAL A 310 -10.61 9.22 13.38
C VAL A 310 -10.31 8.92 14.85
N ARG A 311 -9.23 8.18 15.09
CA ARG A 311 -8.76 7.89 16.45
C ARG A 311 -7.36 8.43 16.63
N ILE A 312 -7.13 9.12 17.74
CA ILE A 312 -5.84 9.70 18.07
C ILE A 312 -5.42 9.18 19.44
N ASP A 313 -4.57 8.16 19.47
CA ASP A 313 -4.16 7.51 20.71
C ASP A 313 -2.70 7.83 21.00
N LYS A 314 -2.46 8.51 22.12
CA LYS A 314 -1.12 8.84 22.57
C LYS A 314 -1.20 9.32 24.02
N ASN A 315 -0.07 9.20 24.71
CA ASN A 315 0.13 9.80 26.03
C ASN A 315 -0.94 9.27 26.99
N ALA A 316 -1.79 10.14 27.56
CA ALA A 316 -2.68 9.71 28.64
C ALA A 316 -3.73 8.72 28.16
N GLY A 317 -4.45 9.03 27.09
CA GLY A 317 -5.55 8.21 26.66
C GLY A 317 -6.03 8.46 25.25
N PRO A 318 -6.79 7.52 24.70
CA PRO A 318 -7.31 7.69 23.34
C PRO A 318 -8.37 8.78 23.27
N ARG A 319 -8.48 9.39 22.10
CA ARG A 319 -9.55 10.35 21.79
C ARG A 319 -9.99 10.12 20.36
N SER A 320 -11.11 10.76 19.99
CA SER A 320 -11.65 10.56 18.66
C SER A 320 -12.42 11.79 18.20
N TYR A 321 -12.62 11.89 16.89
CA TYR A 321 -13.41 12.94 16.29
C TYR A 321 -14.05 12.44 15.01
N ARG A 322 -14.89 13.29 14.42
CA ARG A 322 -15.42 13.09 13.08
C ARG A 322 -14.99 14.25 12.21
N MET A 323 -14.70 13.98 10.94
CA MET A 323 -14.19 14.98 10.02
C MET A 323 -14.90 14.88 8.69
N GLY A 324 -14.94 16.01 7.98
CA GLY A 324 -15.43 16.02 6.63
C GLY A 324 -14.32 15.83 5.61
N LEU A 325 -14.69 15.96 4.34
CA LEU A 325 -13.71 15.83 3.26
C LEU A 325 -12.75 17.02 3.24
N ASN A 326 -13.26 18.21 3.56
CA ASN A 326 -12.46 19.42 3.47
C ASN A 326 -11.27 19.38 4.42
N GLU A 327 -11.46 18.88 5.64
CA GLU A 327 -10.35 18.79 6.57
C GLU A 327 -9.50 17.56 6.31
N LEU A 328 -9.98 16.65 5.45
CA LEU A 328 -9.19 15.48 5.10
C LEU A 328 -8.17 15.82 4.01
N LYS A 329 -8.60 16.55 2.98
CA LYS A 329 -7.68 16.84 1.88
C LYS A 329 -6.54 17.74 2.34
N TYR A 330 -6.82 18.70 3.19
CA TYR A 330 -5.76 19.59 3.69
C TYR A 330 -4.72 18.83 4.48
N LEU A 331 -5.14 17.89 5.33
CA LEU A 331 -4.18 17.08 6.08
C LEU A 331 -3.38 16.17 5.17
N VAL A 332 -4.02 15.56 4.17
CA VAL A 332 -3.29 14.71 3.23
C VAL A 332 -2.23 15.53 2.50
N LEU A 333 -2.57 16.75 2.10
CA LEU A 333 -1.59 17.62 1.46
C LEU A 333 -0.49 18.03 2.43
N LEU A 334 -0.85 18.27 3.69
CA LEU A 334 0.13 18.77 4.66
C LEU A 334 1.16 17.71 5.00
N SER A 335 0.77 16.43 4.96
CA SER A 335 1.70 15.37 5.33
C SER A 335 2.88 15.29 4.36
N LEU A 336 2.61 15.45 3.06
CA LEU A 336 3.65 15.27 2.05
C LEU A 336 4.75 16.32 2.19
N GLN A 337 4.39 17.53 2.62
CA GLN A 337 5.40 18.58 2.77
C GLN A 337 6.38 18.24 3.89
N GLY A 338 6.02 17.32 4.77
CA GLY A 338 6.87 16.94 5.87
C GLY A 338 6.52 17.54 7.21
N LYS A 339 5.50 18.39 7.27
CA LYS A 339 5.05 18.99 8.52
C LYS A 339 3.83 18.28 9.09
N GLY A 340 3.46 17.11 8.56
CA GLY A 340 2.19 16.50 8.89
C GLY A 340 2.05 16.16 10.36
N ASP A 341 3.08 15.56 10.96
CA ASP A 341 2.95 15.03 12.32
C ASP A 341 2.55 16.13 13.30
N ASP A 342 3.19 17.30 13.21
CA ASP A 342 2.86 18.40 14.10
C ASP A 342 1.37 18.75 14.01
N ALA A 343 0.82 18.72 12.79
CA ALA A 343 -0.60 19.01 12.62
C ALA A 343 -1.44 18.06 13.47
N ILE A 344 -1.10 16.77 13.46
CA ILE A 344 -1.84 15.81 14.27
C ILE A 344 -1.83 16.23 15.73
N ALA A 345 -0.68 16.70 16.22
CA ALA A 345 -0.60 17.17 17.59
C ALA A 345 -1.67 18.22 17.88
N LYS A 346 -1.87 19.15 16.96
CA LYS A 346 -2.88 20.19 17.17
C LYS A 346 -4.26 19.59 17.35
N LEU A 347 -4.59 18.56 16.57
CA LEU A 347 -5.88 17.90 16.75
C LEU A 347 -6.03 17.40 18.18
N TYR A 348 -4.97 16.83 18.74
CA TYR A 348 -5.04 16.31 20.11
C TYR A 348 -5.43 17.41 21.09
N ARG A 349 -5.03 18.65 20.80
CA ARG A 349 -5.32 19.74 21.72
C ARG A 349 -6.78 20.17 21.62
N TYR A 350 -7.38 20.01 20.43
CA TYR A 350 -8.61 20.74 20.10
C TYR A 350 -9.70 20.52 21.14
N ARG A 351 -10.01 19.25 21.45
CA ARG A 351 -11.08 18.96 22.40
C ARG A 351 -10.92 19.75 23.68
N GLN A 352 -9.70 19.77 24.24
CA GLN A 352 -9.48 20.47 25.50
C GLN A 352 -9.93 21.92 25.39
N HIS A 353 -9.55 22.60 24.30
CA HIS A 353 -9.93 24.00 24.15
C HIS A 353 -11.44 24.16 24.20
N VAL A 354 -12.17 23.27 23.53
CA VAL A 354 -13.63 23.36 23.52
C VAL A 354 -14.17 23.35 24.94
N GLU A 355 -13.60 22.50 25.80
CA GLU A 355 -14.04 22.45 27.18
C GLU A 355 -13.97 23.82 27.83
N ASN A 356 -12.86 24.53 27.65
CA ASN A 356 -12.73 25.86 28.23
C ASN A 356 -13.88 26.75 27.79
N ILE A 357 -14.23 26.68 26.50
CA ILE A 357 -15.27 27.55 25.97
C ILE A 357 -16.59 27.29 26.69
N LEU A 358 -16.87 26.02 27.02
CA LEU A 358 -18.14 25.70 27.66
C LEU A 358 -18.27 26.39 29.02
N ASP A 359 -17.14 26.77 29.63
CA ASP A 359 -17.20 27.47 30.90
C ASP A 359 -17.39 28.97 30.69
N VAL A 360 -16.93 29.49 29.55
CA VAL A 360 -16.90 30.93 29.34
C VAL A 360 -17.76 31.33 28.15
N VAL A 361 -18.88 30.63 27.95
CA VAL A 361 -19.75 30.93 26.81
C VAL A 361 -20.20 32.39 26.84
N LYS A 362 -20.59 32.89 28.01
CA LYS A 362 -20.98 34.28 28.13
C LYS A 362 -19.78 35.21 28.00
N VAL A 363 -18.59 34.75 28.41
CA VAL A 363 -17.45 35.64 28.55
C VAL A 363 -16.63 35.69 27.26
N THR A 364 -16.58 34.57 26.52
CA THR A 364 -15.61 34.45 25.44
C THR A 364 -15.98 35.32 24.24
N ASP A 365 -15.08 35.33 23.26
CA ASP A 365 -15.18 36.24 22.13
C ASP A 365 -15.84 35.56 20.92
N LYS A 366 -15.79 36.27 19.78
CA LYS A 366 -16.51 35.83 18.59
C LYS A 366 -15.83 34.62 17.95
N ASP A 367 -14.49 34.60 17.96
CA ASP A 367 -13.78 33.47 17.37
C ASP A 367 -14.16 32.16 18.07
N ASN A 368 -14.26 32.21 19.40
CA ASN A 368 -14.75 31.05 20.13
C ASN A 368 -16.27 30.90 19.97
N HIS A 369 -16.96 31.99 19.63
CA HIS A 369 -18.39 31.90 19.37
C HIS A 369 -18.68 31.01 18.17
N VAL A 370 -17.85 31.10 17.12
CA VAL A 370 -18.11 30.31 15.93
C VAL A 370 -17.89 28.84 16.18
N PHE A 371 -17.14 28.50 17.24
CA PHE A 371 -16.86 27.10 17.53
C PHE A 371 -18.12 26.36 18.01
N LEU A 372 -18.89 26.98 18.90
CA LEU A 372 -20.01 26.28 19.52
C LEU A 372 -21.19 26.20 18.56
N PRO A 373 -22.03 25.18 18.70
CA PRO A 373 -23.21 25.08 17.83
C PRO A 373 -24.28 26.09 18.20
N ARG A 374 -25.45 25.93 17.57
CA ARG A 374 -26.51 26.92 17.72
C ARG A 374 -27.19 26.81 19.08
N PHE A 375 -27.66 25.62 19.44
CA PHE A 375 -28.54 25.50 20.60
C PHE A 375 -27.84 25.92 21.88
N VAL A 376 -26.52 25.77 21.95
CA VAL A 376 -25.77 26.24 23.11
C VAL A 376 -25.84 27.76 23.19
N LEU A 377 -25.67 28.44 22.05
CA LEU A 377 -25.67 29.90 22.05
C LEU A 377 -27.07 30.47 22.26
N GLU A 378 -28.09 29.76 21.77
CA GLU A 378 -29.46 30.28 21.85
C GLU A 378 -29.93 30.38 23.29
N GLN A 379 -29.52 29.44 24.14
CA GLN A 379 -29.96 29.44 25.54
C GLN A 379 -29.52 30.70 26.26
N HIS A 380 -28.31 31.18 25.98
CA HIS A 380 -27.81 32.39 26.63
C HIS A 380 -28.46 33.64 26.05
N GLY A 381 -29.28 33.48 25.01
CA GLY A 381 -29.99 34.60 24.42
C GLY A 381 -29.39 35.15 23.16
N ILE A 382 -28.23 34.66 22.72
CA ILE A 382 -27.63 35.15 21.50
C ILE A 382 -28.09 34.31 20.32
N GLY A 383 -28.58 34.99 19.28
CA GLY A 383 -29.01 34.31 18.08
C GLY A 383 -30.48 33.95 18.02
N ARG A 384 -31.29 34.44 18.94
CA ARG A 384 -32.72 34.16 18.91
C ARG A 384 -33.35 34.80 17.68
N LYS A 385 -34.31 34.09 17.08
CA LYS A 385 -34.96 34.51 15.85
C LYS A 385 -36.46 34.66 16.10
N ALA A 386 -37.08 35.63 15.43
CA ALA A 386 -38.51 35.87 15.60
C ALA A 386 -39.33 34.72 15.02
N PHE A 387 -40.47 34.45 15.66
CA PHE A 387 -41.32 33.35 15.24
C PHE A 387 -41.88 33.56 13.85
N LYS A 388 -42.29 34.79 13.53
CA LYS A 388 -42.92 35.08 12.24
C LYS A 388 -41.96 34.80 11.10
N GLN A 389 -40.69 35.18 11.27
CA GLN A 389 -39.69 34.92 10.23
C GLN A 389 -39.51 33.42 10.03
N ARG A 390 -39.52 32.64 11.12
CA ARG A 390 -39.43 31.20 10.99
C ARG A 390 -40.61 30.64 10.19
N ILE A 391 -41.81 31.13 10.48
CA ILE A 391 -42.99 30.67 9.74
C ILE A 391 -42.84 30.99 8.26
N ASP A 392 -42.45 32.23 7.95
CA ASP A 392 -42.32 32.65 6.56
C ASP A 392 -41.27 31.84 5.83
N GLY A 393 -40.14 31.57 6.49
CA GLY A 393 -39.10 30.77 5.86
C GLY A 393 -39.55 29.34 5.59
N ARG A 394 -40.26 28.74 6.55
CA ARG A 394 -40.65 27.35 6.40
C ARG A 394 -41.70 27.18 5.31
N VAL A 395 -42.71 28.07 5.30
CA VAL A 395 -43.87 27.83 4.43
C VAL A 395 -43.49 27.94 2.96
N LYS A 396 -42.68 28.94 2.61
CA LYS A 396 -42.31 29.12 1.20
C LYS A 396 -41.43 27.97 0.72
N HIS A 397 -40.54 27.49 1.58
CA HIS A 397 -39.70 26.35 1.20
C HIS A 397 -40.55 25.11 0.96
N VAL A 398 -41.51 24.85 1.85
CA VAL A 398 -42.36 23.67 1.68
C VAL A 398 -43.18 23.80 0.41
N ARG A 399 -43.74 24.98 0.15
CA ARG A 399 -44.56 25.17 -1.04
C ARG A 399 -43.72 25.05 -2.31
N GLY A 400 -42.49 25.56 -2.28
CA GLY A 400 -41.62 25.40 -3.43
C GLY A 400 -41.30 23.95 -3.72
N VAL A 401 -41.01 23.18 -2.67
CA VAL A 401 -40.75 21.76 -2.85
C VAL A 401 -41.97 21.08 -3.46
N TRP A 402 -43.16 21.39 -2.94
CA TRP A 402 -44.35 20.68 -3.41
C TRP A 402 -44.75 21.10 -4.81
N GLU A 403 -44.47 22.34 -5.20
CA GLU A 403 -44.77 22.76 -6.56
C GLU A 403 -43.76 22.20 -7.55
N LYS A 404 -42.51 22.02 -7.12
CA LYS A 404 -41.54 21.32 -7.96
C LYS A 404 -41.95 19.87 -8.17
N LYS A 405 -42.41 19.22 -7.10
CA LYS A 405 -42.90 17.84 -7.22
C LYS A 405 -44.08 17.77 -8.18
N LYS A 406 -44.88 18.84 -8.24
CA LYS A 406 -46.01 18.85 -9.16
C LYS A 406 -45.54 18.81 -10.62
N ALA A 407 -44.50 19.58 -10.95
CA ALA A 407 -44.00 19.59 -12.31
C ALA A 407 -43.21 18.32 -12.61
N ALA A 408 -42.66 17.67 -11.58
CA ALA A 408 -41.86 16.48 -11.74
C ALA A 408 -42.68 15.19 -11.77
N THR A 409 -43.95 15.26 -12.19
CA THR A 409 -44.84 14.10 -12.05
C THR A 409 -44.34 12.90 -12.83
N ASN A 410 -44.05 13.07 -14.12
CA ASN A 410 -43.73 11.92 -14.96
C ASN A 410 -42.27 11.51 -14.81
N GLU A 411 -41.41 12.44 -14.40
CA GLU A 411 -39.98 12.16 -14.39
C GLU A 411 -39.57 11.25 -13.25
N MET A 412 -40.26 11.37 -12.11
CA MET A 412 -39.84 10.64 -10.91
C MET A 412 -40.02 9.14 -11.07
N THR A 413 -39.22 8.38 -10.32
CA THR A 413 -39.30 6.93 -10.33
C THR A 413 -40.46 6.46 -9.45
N LEU A 414 -40.86 5.20 -9.66
CA LEU A 414 -42.00 4.64 -8.92
C LEU A 414 -41.72 4.63 -7.42
N HIS A 415 -40.45 4.43 -7.03
CA HIS A 415 -40.11 4.36 -5.61
C HIS A 415 -40.43 5.66 -4.90
N GLU A 416 -40.15 6.80 -5.54
CA GLU A 416 -40.45 8.08 -4.91
C GLU A 416 -41.94 8.38 -4.95
N LYS A 417 -42.60 8.07 -6.06
CA LYS A 417 -44.01 8.38 -6.20
C LYS A 417 -44.87 7.59 -5.22
N ALA A 418 -44.55 6.31 -5.03
CA ALA A 418 -45.33 5.50 -4.10
C ALA A 418 -45.21 6.03 -2.68
N ARG A 419 -44.00 6.39 -2.25
CA ARG A 419 -43.82 6.96 -0.92
C ARG A 419 -44.57 8.28 -0.80
N ASP A 420 -44.51 9.11 -1.85
CA ASP A 420 -45.20 10.39 -1.81
C ASP A 420 -46.71 10.21 -1.66
N ILE A 421 -47.29 9.28 -2.41
CA ILE A 421 -48.75 9.09 -2.33
C ILE A 421 -49.14 8.47 -0.99
N LEU A 422 -48.33 7.52 -0.48
CA LEU A 422 -48.68 6.87 0.77
C LEU A 422 -48.52 7.82 1.96
N GLN A 423 -47.67 8.83 1.83
CA GLN A 423 -47.49 9.78 2.92
C GLN A 423 -48.78 10.50 3.24
N TYR A 424 -49.53 10.90 2.21
CA TYR A 424 -50.80 11.60 2.44
C TYR A 424 -51.80 10.71 3.18
N VAL A 425 -51.91 9.45 2.76
CA VAL A 425 -52.85 8.54 3.41
C VAL A 425 -52.46 8.32 4.86
N ASN A 426 -51.17 8.08 5.11
CA ASN A 426 -50.73 7.79 6.47
C ASN A 426 -50.88 9.01 7.38
N GLU A 427 -50.66 10.21 6.83
CA GLU A 427 -50.89 11.43 7.61
C GLU A 427 -52.37 11.61 7.91
N ASN A 428 -53.24 11.32 6.95
CA ASN A 428 -54.67 11.50 7.16
C ASN A 428 -55.20 10.54 8.22
N CYS A 429 -54.70 9.32 8.25
CA CYS A 429 -55.19 8.31 9.18
C CYS A 429 -54.91 8.71 10.63
N THR A 430 -55.88 8.46 11.50
CA THR A 430 -55.72 8.85 12.91
C THR A 430 -54.73 7.95 13.63
N ARG A 431 -54.74 6.66 13.32
CA ARG A 431 -53.88 5.68 13.98
C ARG A 431 -52.64 5.45 13.12
N SER A 432 -51.47 5.49 13.77
CA SER A 432 -50.23 5.28 13.05
C SER A 432 -50.21 3.90 12.40
N PHE A 433 -49.80 3.86 11.13
CA PHE A 433 -49.86 2.62 10.37
C PHE A 433 -48.85 1.61 10.91
N ASN A 434 -49.29 0.35 10.98
CA ASN A 434 -48.41 -0.70 11.45
C ASN A 434 -47.25 -0.92 10.46
N PRO A 435 -46.02 -1.11 10.94
CA PRO A 435 -44.90 -1.29 10.03
C PRO A 435 -45.06 -2.47 9.08
N GLY A 436 -45.67 -3.56 9.54
CA GLY A 436 -45.85 -4.71 8.68
C GLY A 436 -46.82 -4.44 7.53
N GLU A 437 -47.85 -3.62 7.78
CA GLU A 437 -48.83 -3.34 6.74
C GLU A 437 -48.26 -2.43 5.67
N TYR A 438 -47.20 -1.69 6.00
CA TYR A 438 -46.62 -0.75 5.04
C TYR A 438 -46.07 -1.47 3.81
N ASN A 439 -45.38 -2.59 4.01
CA ASN A 439 -44.69 -3.24 2.91
C ASN A 439 -45.66 -3.78 1.87
N ARG A 440 -46.76 -4.38 2.32
CA ARG A 440 -47.72 -4.95 1.37
C ARG A 440 -48.40 -3.86 0.55
N LEU A 441 -48.74 -2.74 1.17
CA LEU A 441 -49.33 -1.63 0.42
C LEU A 441 -48.33 -1.04 -0.55
N LEU A 442 -47.07 -0.93 -0.16
CA LEU A 442 -46.05 -0.42 -1.08
C LEU A 442 -45.89 -1.36 -2.28
N VAL A 443 -45.90 -2.67 -2.02
CA VAL A 443 -45.80 -3.64 -3.12
C VAL A 443 -47.01 -3.52 -4.03
N CYS A 444 -48.20 -3.37 -3.45
CA CYS A 444 -49.40 -3.24 -4.28
C CYS A 444 -49.35 -1.99 -5.15
N LEU A 445 -48.90 -0.87 -4.59
CA LEU A 445 -48.82 0.36 -5.36
C LEU A 445 -47.78 0.24 -6.47
N VAL A 446 -46.61 -0.32 -6.17
CA VAL A 446 -45.56 -0.41 -7.17
C VAL A 446 -45.88 -1.47 -8.20
N GLY A 447 -46.82 -2.37 -7.89
CA GLY A 447 -47.16 -3.42 -8.83
C GLY A 447 -48.16 -2.98 -9.87
N LYS A 448 -48.56 -1.71 -9.83
CA LYS A 448 -49.54 -1.08 -10.72
C LYS A 448 -50.94 -1.63 -10.47
N ASP A 449 -51.12 -2.49 -9.47
CA ASP A 449 -52.42 -3.03 -9.13
C ASP A 449 -53.13 -2.05 -8.20
N VAL A 450 -53.67 -0.97 -8.78
CA VAL A 450 -54.37 0.03 -7.98
C VAL A 450 -55.65 -0.55 -7.40
N GLU A 451 -56.13 -1.65 -7.98
CA GLU A 451 -57.32 -2.30 -7.46
C GLU A 451 -57.09 -2.83 -6.05
N ASN A 452 -55.91 -3.39 -5.79
CA ASN A 452 -55.59 -3.82 -4.43
C ASN A 452 -55.52 -2.64 -3.48
N PHE A 453 -55.00 -1.50 -3.95
CA PHE A 453 -55.00 -0.30 -3.13
C PHE A 453 -56.41 0.14 -2.78
N GLN A 454 -57.31 0.10 -3.77
CA GLN A 454 -58.71 0.46 -3.52
C GLN A 454 -59.35 -0.50 -2.53
N ALA A 455 -59.05 -1.80 -2.67
CA ALA A 455 -59.60 -2.79 -1.73
C ALA A 455 -59.10 -2.53 -0.32
N GLY A 456 -57.81 -2.23 -0.16
CA GLY A 456 -57.29 -1.92 1.15
C GLY A 456 -57.91 -0.67 1.75
N LEU A 457 -58.10 0.36 0.92
CA LEU A 457 -58.76 1.57 1.40
C LEU A 457 -60.19 1.29 1.83
N LYS A 458 -60.91 0.46 1.06
CA LYS A 458 -62.27 0.10 1.44
C LYS A 458 -62.30 -0.67 2.75
N ARG A 459 -61.34 -1.58 2.95
CA ARG A 459 -61.28 -2.33 4.20
C ARG A 459 -61.00 -1.40 5.38
N LEU A 460 -60.07 -0.45 5.20
CA LEU A 460 -59.74 0.46 6.29
C LEU A 460 -60.87 1.44 6.57
N GLN A 461 -61.66 1.76 5.55
CA GLN A 461 -62.75 2.72 5.74
C GLN A 461 -63.84 2.16 6.64
N LEU A 462 -64.12 0.85 6.54
CA LEU A 462 -65.19 0.25 7.32
C LEU A 462 -64.91 0.34 8.81
N ALA A 463 -63.67 0.05 9.22
CA ALA A 463 -63.31 0.19 10.63
C ALA A 463 -63.10 1.65 11.00
N GLU A 464 -63.10 2.53 10.00
CA GLU A 464 -62.94 3.98 10.13
C GLU A 464 -61.54 4.35 10.57
N ARG A 465 -60.52 3.58 10.19
CA ARG A 465 -59.14 4.03 10.38
C ARG A 465 -58.87 5.28 9.57
N ILE A 466 -59.32 5.30 8.32
CA ILE A 466 -59.10 6.42 7.41
C ILE A 466 -60.43 7.10 7.14
N ASP A 467 -60.38 8.39 6.82
CA ASP A 467 -61.59 9.13 6.49
C ASP A 467 -62.16 8.66 5.15
N GLY A 468 -63.47 8.79 5.00
CA GLY A 468 -64.10 8.39 3.75
C GLY A 468 -63.81 9.35 2.61
N ARG A 469 -63.40 10.58 2.94
CA ARG A 469 -63.09 11.55 1.90
C ARG A 469 -61.93 11.09 1.04
N VAL A 470 -60.91 10.50 1.65
CA VAL A 470 -59.77 9.99 0.89
C VAL A 470 -60.21 8.86 -0.04
N TYR A 471 -61.06 7.96 0.45
CA TYR A 471 -61.58 6.90 -0.40
C TYR A 471 -62.37 7.47 -1.57
N SER A 472 -63.17 8.51 -1.32
CA SER A 472 -63.93 9.13 -2.39
C SER A 472 -63.02 9.76 -3.43
N ILE A 473 -61.96 10.44 -2.98
CA ILE A 473 -61.12 11.18 -3.91
C ILE A 473 -60.18 10.25 -4.67
N PHE A 474 -59.89 9.08 -4.10
CA PHE A 474 -58.91 8.19 -4.73
C PHE A 474 -59.55 7.22 -5.72
N ALA A 475 -60.86 7.00 -5.59
CA ALA A 475 -61.51 5.94 -6.37
C ALA A 475 -61.45 6.22 -7.87
N GLN A 476 -61.65 7.48 -8.28
CA GLN A 476 -61.75 7.79 -9.70
C GLN A 476 -60.45 7.55 -10.43
N THR A 477 -59.32 7.91 -9.83
CA THR A 477 -58.04 7.82 -10.52
C THR A 477 -57.67 6.37 -10.81
N SER A 478 -57.05 6.15 -11.98
CA SER A 478 -56.67 4.82 -12.43
C SER A 478 -55.17 4.65 -12.62
N THR A 479 -54.41 5.74 -12.66
CA THR A 479 -52.97 5.67 -12.86
C THR A 479 -52.26 6.37 -11.71
N ILE A 480 -51.00 6.00 -11.50
CA ILE A 480 -50.22 6.56 -10.40
C ILE A 480 -50.00 8.06 -10.62
N ASN A 481 -49.85 8.49 -11.88
CA ASN A 481 -49.68 9.91 -12.17
C ASN A 481 -50.92 10.69 -11.77
N GLU A 482 -52.11 10.16 -12.07
CA GLU A 482 -53.35 10.85 -11.70
C GLU A 482 -53.47 10.97 -10.19
N MET A 483 -53.15 9.90 -9.45
CA MET A 483 -53.22 9.96 -8.00
C MET A 483 -52.21 10.96 -7.44
N HIS A 484 -50.99 10.99 -8.00
CA HIS A 484 -50.00 11.94 -7.55
C HIS A 484 -50.46 13.37 -7.77
N GLN A 485 -51.03 13.65 -8.94
CA GLN A 485 -51.54 14.99 -9.21
C GLN A 485 -52.69 15.34 -8.27
N VAL A 486 -53.58 14.39 -8.01
CA VAL A 486 -54.68 14.63 -7.08
C VAL A 486 -54.14 14.99 -5.71
N VAL A 487 -53.16 14.21 -5.22
CA VAL A 487 -52.60 14.46 -3.89
C VAL A 487 -51.90 15.82 -3.84
N CYS A 488 -51.16 16.16 -4.90
CA CYS A 488 -50.47 17.44 -4.92
C CYS A 488 -51.48 18.59 -4.90
N ASP A 489 -52.59 18.43 -5.62
CA ASP A 489 -53.63 19.46 -5.58
C ASP A 489 -54.17 19.65 -4.17
N GLN A 490 -54.46 18.55 -3.47
CA GLN A 490 -54.98 18.65 -2.12
C GLN A 490 -53.99 19.31 -1.18
N ILE A 491 -52.70 18.94 -1.30
CA ILE A 491 -51.69 19.51 -0.42
C ILE A 491 -51.54 21.01 -0.69
N LEU A 492 -51.51 21.40 -1.96
CA LEU A 492 -51.41 22.82 -2.29
C LEU A 492 -52.63 23.58 -1.79
N ASN A 493 -53.82 22.99 -1.90
CA ASN A 493 -55.03 23.64 -1.40
C ASN A 493 -54.97 23.83 0.11
N ARG A 494 -54.52 22.80 0.84
CA ARG A 494 -54.47 22.91 2.29
C ARG A 494 -53.40 23.90 2.72
N LEU A 495 -52.31 24.01 1.96
CA LEU A 495 -51.32 25.05 2.23
C LEU A 495 -51.88 26.43 1.89
N CYS A 496 -52.82 26.49 0.95
CA CYS A 496 -53.37 27.78 0.53
C CYS A 496 -54.33 28.34 1.57
N ARG A 497 -54.88 27.49 2.42
CA ARG A 497 -55.85 27.94 3.41
C ARG A 497 -55.21 28.92 4.39
N ILE A 498 -56.04 29.80 4.96
CA ILE A 498 -55.54 30.93 5.73
C ILE A 498 -54.82 30.43 6.98
N GLY A 499 -54.05 31.32 7.59
CA GLY A 499 -53.24 30.94 8.74
C GLY A 499 -54.08 30.44 9.89
N ASP A 500 -53.69 29.29 10.44
CA ASP A 500 -54.34 28.69 11.59
C ASP A 500 -53.34 27.81 12.33
N GLN A 501 -53.75 27.30 13.49
CA GLN A 501 -52.87 26.44 14.26
C GLN A 501 -52.65 25.10 13.55
N LYS A 502 -53.62 24.67 12.75
CA LYS A 502 -53.44 23.47 11.96
C LYS A 502 -52.30 23.64 10.96
N LEU A 503 -52.09 24.88 10.49
CA LEU A 503 -50.93 25.15 9.64
C LEU A 503 -49.63 24.90 10.39
N TYR A 504 -49.55 25.39 11.64
CA TYR A 504 -48.35 25.16 12.44
C TYR A 504 -48.14 23.67 12.68
N ASP A 505 -49.22 22.93 12.94
CA ASP A 505 -49.10 21.49 13.13
C ASP A 505 -48.61 20.81 11.85
N TYR A 506 -49.11 21.25 10.70
CA TYR A 506 -48.76 20.59 9.45
C TYR A 506 -47.32 20.89 9.04
N VAL A 507 -46.82 22.09 9.35
CA VAL A 507 -45.45 22.43 8.98
C VAL A 507 -44.47 21.93 10.03
N GLY A 508 -44.93 21.74 11.27
CA GLY A 508 -44.10 21.17 12.30
C GLY A 508 -43.45 22.15 13.26
N LEU A 509 -43.93 23.39 13.32
CA LEU A 509 -43.36 24.36 14.27
C LEU A 509 -44.07 24.28 15.62
N GLY A 510 -45.08 23.43 15.73
CA GLY A 510 -45.89 23.41 16.95
C GLY A 510 -45.28 22.57 18.06
N LYS A 511 -44.35 21.69 17.72
CA LYS A 511 -43.84 20.73 18.70
C LYS A 511 -43.12 21.45 19.85
N LYS A 512 -43.25 20.88 21.05
CA LYS A 512 -42.64 21.47 22.22
C LYS A 512 -41.36 20.72 22.60
N ASP A 513 -40.61 21.28 23.54
CA ASP A 513 -39.35 20.71 24.00
C ASP A 513 -39.49 20.32 25.48
N GLU A 514 -39.09 19.09 25.79
CA GLU A 514 -39.26 18.54 27.13
C GLU A 514 -38.00 17.87 27.67
N ILE A 515 -36.83 18.16 27.12
CA ILE A 515 -35.58 17.53 27.53
C ILE A 515 -34.73 18.55 28.28
N ASP A 516 -34.13 18.11 29.38
CA ASP A 516 -33.32 19.01 30.20
C ASP A 516 -32.05 19.42 29.46
N TYR A 517 -31.54 20.59 29.82
CA TYR A 517 -30.35 21.14 29.16
C TYR A 517 -29.11 20.30 29.46
N LYS A 518 -28.98 19.83 30.70
CA LYS A 518 -27.74 19.19 31.13
C LYS A 518 -27.47 17.91 30.35
N GLN A 519 -28.51 17.11 30.09
CA GLN A 519 -28.30 15.90 29.30
C GLN A 519 -27.83 16.23 27.90
N LYS A 520 -28.40 17.28 27.30
CA LYS A 520 -27.99 17.68 25.96
C LYS A 520 -26.53 18.14 25.95
N VAL A 521 -26.12 18.90 26.97
CA VAL A 521 -24.73 19.34 27.04
C VAL A 521 -23.80 18.15 27.21
N ALA A 522 -24.20 17.17 28.03
CA ALA A 522 -23.39 15.97 28.19
C ALA A 522 -23.26 15.22 26.87
N TRP A 523 -24.36 15.11 26.13
CA TRP A 523 -24.30 14.46 24.82
C TRP A 523 -23.37 15.19 23.86
N PHE A 524 -23.46 16.53 23.85
CA PHE A 524 -22.58 17.30 22.97
C PHE A 524 -21.12 17.11 23.35
N LYS A 525 -20.82 17.07 24.65
CA LYS A 525 -19.45 16.79 25.06
C LYS A 525 -19.03 15.39 24.61
N GLU A 526 -19.97 14.45 24.62
CA GLU A 526 -19.64 13.11 24.17
C GLU A 526 -19.32 13.07 22.68
N HIS A 527 -20.03 13.88 21.88
CA HIS A 527 -19.86 13.89 20.43
C HIS A 527 -19.45 15.27 19.94
N ILE A 528 -18.22 15.38 19.44
CA ILE A 528 -17.68 16.65 18.98
C ILE A 528 -17.28 16.53 17.52
N SER A 529 -17.19 17.67 16.84
CA SER A 529 -16.82 17.71 15.43
C SER A 529 -15.92 18.91 15.18
N ILE A 530 -15.11 18.82 14.11
CA ILE A 530 -14.14 19.86 13.81
C ILE A 530 -14.79 20.93 12.92
N ARG A 531 -14.48 22.19 13.22
CA ARG A 531 -14.94 23.32 12.42
C ARG A 531 -14.46 23.17 10.98
N ARG A 532 -15.21 23.78 10.05
CA ARG A 532 -14.83 23.73 8.65
C ARG A 532 -13.78 24.79 8.35
N GLY A 533 -12.69 24.37 7.72
CA GLY A 533 -11.60 25.27 7.41
C GLY A 533 -10.63 25.51 8.55
N PHE A 534 -10.64 24.66 9.58
CA PHE A 534 -9.80 24.86 10.76
C PHE A 534 -8.32 24.85 10.41
N LEU A 535 -7.90 23.87 9.60
CA LEU A 535 -6.48 23.71 9.30
C LEU A 535 -5.93 24.88 8.48
N ARG A 536 -6.75 25.45 7.59
CA ARG A 536 -6.24 26.46 6.67
C ARG A 536 -5.85 27.75 7.38
N LYS A 537 -6.53 28.12 8.46
CA LYS A 537 -6.21 29.38 9.13
C LYS A 537 -4.94 29.25 9.97
N LYS A 538 -4.62 28.05 10.44
CA LYS A 538 -3.52 27.89 11.38
C LYS A 538 -2.17 28.21 10.75
N PHE A 539 -1.90 27.65 9.57
CA PHE A 539 -0.57 27.78 8.96
C PHE A 539 -0.55 28.64 7.70
N TRP A 540 -1.49 28.43 6.78
CA TRP A 540 -1.54 29.20 5.54
C TRP A 540 -2.37 30.46 5.77
N TYR A 541 -1.93 31.25 6.75
CA TYR A 541 -2.65 32.47 7.10
C TYR A 541 -2.47 33.56 6.05
N ASP A 542 -1.23 33.76 5.60
CA ASP A 542 -0.95 34.87 4.69
C ASP A 542 -1.32 34.52 3.25
N SER A 543 -1.60 33.25 2.99
CA SER A 543 -1.84 32.79 1.63
C SER A 543 -3.05 33.48 1.01
N LYS A 544 -2.88 33.96 -0.22
CA LYS A 544 -3.98 34.42 -1.05
C LYS A 544 -4.36 33.40 -2.11
N LYS A 545 -3.59 32.33 -2.24
CA LYS A 545 -3.80 31.37 -3.30
C LYS A 545 -4.88 30.37 -2.93
N GLY A 546 -5.61 29.90 -3.94
CA GLY A 546 -6.61 28.88 -3.71
C GLY A 546 -6.01 27.50 -3.59
N PHE A 547 -6.88 26.49 -3.59
CA PHE A 547 -6.43 25.12 -3.46
C PHE A 547 -5.56 24.70 -4.63
N ALA A 548 -5.97 25.03 -5.85
CA ALA A 548 -5.25 24.57 -7.03
C ALA A 548 -3.86 25.17 -7.09
N LYS A 549 -3.73 26.47 -6.78
CA LYS A 549 -2.41 27.10 -6.82
C LYS A 549 -1.48 26.47 -5.78
N LEU A 550 -1.99 26.21 -4.58
CA LEU A 550 -1.17 25.61 -3.53
C LEU A 550 -0.71 24.22 -3.93
N VAL A 551 -1.59 23.43 -4.53
CA VAL A 551 -1.17 22.11 -4.99
C VAL A 551 -0.14 22.24 -6.11
N GLU A 552 -0.38 23.14 -7.06
CA GLU A 552 0.45 23.20 -8.27
C GLU A 552 1.85 23.69 -7.96
N GLU A 553 1.98 24.67 -7.05
CA GLU A 553 3.30 25.17 -6.70
C GLU A 553 4.17 24.07 -6.13
N HIS A 554 3.64 23.29 -5.19
CA HIS A 554 4.43 22.19 -4.64
C HIS A 554 4.66 21.10 -5.67
N LEU A 555 3.68 20.87 -6.55
CA LEU A 555 3.88 19.85 -7.59
C LEU A 555 5.05 20.22 -8.50
N GLU A 556 5.17 21.50 -8.85
CA GLU A 556 6.24 21.91 -9.76
C GLU A 556 7.58 22.00 -9.03
N SER A 557 7.57 22.43 -7.77
CA SER A 557 8.84 22.72 -7.11
C SER A 557 9.38 21.52 -6.35
N GLY A 558 8.54 20.88 -5.52
CA GLY A 558 9.04 19.87 -4.62
C GLY A 558 9.52 18.61 -5.33
N GLY A 559 9.07 18.40 -6.56
CA GLY A 559 9.59 17.29 -7.34
C GLY A 559 8.57 16.29 -7.82
N GLY A 560 7.31 16.68 -8.00
CA GLY A 560 6.39 15.82 -8.73
C GLY A 560 6.80 15.70 -10.19
N GLN A 561 7.16 16.83 -10.81
CA GLN A 561 7.74 16.89 -12.15
C GLN A 561 6.96 16.04 -13.15
N ARG A 562 5.64 16.00 -13.00
CA ARG A 562 4.80 15.21 -13.87
C ARG A 562 3.42 15.84 -13.93
N ASP A 563 2.64 15.39 -14.91
CA ASP A 563 1.26 15.81 -15.06
C ASP A 563 0.42 14.59 -15.43
N VAL A 564 -0.89 14.70 -15.21
CA VAL A 564 -1.78 13.60 -15.47
C VAL A 564 -1.73 13.23 -16.95
N GLY A 565 -1.98 11.95 -17.25
CA GLY A 565 -1.90 11.48 -18.61
C GLY A 565 -2.95 12.09 -19.52
N LEU A 566 -4.07 12.52 -18.95
CA LEU A 566 -5.11 13.17 -19.73
C LEU A 566 -4.63 14.52 -20.24
N ASP A 567 -4.99 14.84 -21.47
CA ASP A 567 -4.70 16.16 -22.03
C ASP A 567 -5.61 17.21 -21.41
N LYS A 568 -5.20 18.47 -21.52
CA LYS A 568 -5.97 19.56 -20.92
C LYS A 568 -7.27 19.80 -21.69
N LYS A 569 -7.49 19.06 -22.77
CA LYS A 569 -8.75 19.18 -23.50
C LYS A 569 -9.93 18.78 -22.63
N TYR A 570 -9.80 17.68 -21.87
CA TYR A 570 -10.93 17.17 -21.10
C TYR A 570 -11.17 17.99 -19.84
N TYR A 571 -10.10 18.49 -19.21
CA TYR A 571 -10.26 19.12 -17.90
C TYR A 571 -10.77 20.56 -18.02
N HIS A 572 -10.96 21.05 -19.24
CA HIS A 572 -11.46 22.38 -19.46
C HIS A 572 -12.42 22.40 -20.64
N ILE A 573 -13.34 23.36 -20.64
CA ILE A 573 -14.24 23.60 -21.76
C ILE A 573 -13.98 24.99 -22.30
N ASP A 574 -13.74 25.08 -23.61
CA ASP A 574 -13.33 26.34 -24.21
C ASP A 574 -14.53 27.16 -24.67
N ALA A 575 -15.52 26.52 -25.28
CA ALA A 575 -16.65 27.25 -25.84
C ALA A 575 -17.43 27.98 -24.76
N ILE A 576 -17.81 27.28 -23.69
CA ILE A 576 -18.55 27.90 -22.60
C ILE A 576 -17.62 28.82 -21.81
N GLY A 577 -18.21 29.79 -21.13
CA GLY A 577 -17.42 30.68 -20.30
C GLY A 577 -16.73 29.92 -19.19
N ARG A 578 -15.66 30.53 -18.66
CA ARG A 578 -14.88 29.86 -17.62
C ARG A 578 -15.71 29.60 -16.36
N PHE A 579 -16.37 30.63 -15.83
CA PHE A 579 -17.20 30.43 -14.66
C PHE A 579 -18.52 29.76 -15.02
N GLU A 580 -19.07 30.11 -16.18
CA GLU A 580 -20.36 29.59 -16.60
C GLU A 580 -20.24 28.10 -16.93
N GLY A 581 -21.37 27.40 -16.86
CA GLY A 581 -21.39 26.00 -17.20
C GLY A 581 -20.87 25.11 -16.09
N ALA A 582 -20.55 23.87 -16.45
CA ALA A 582 -20.10 22.89 -15.47
C ALA A 582 -18.60 22.98 -15.21
N ASN A 583 -17.92 23.93 -15.87
CA ASN A 583 -16.49 24.05 -15.70
C ASN A 583 -16.03 24.23 -14.25
N PRO A 584 -16.78 24.87 -13.34
CA PRO A 584 -16.31 24.92 -11.94
C PRO A 584 -16.10 23.56 -11.32
N ALA A 585 -16.80 22.54 -11.81
CA ALA A 585 -16.61 21.19 -11.26
C ALA A 585 -15.27 20.61 -11.68
N LEU A 586 -15.03 20.51 -12.99
CA LEU A 586 -13.86 19.78 -13.48
C LEU A 586 -12.56 20.45 -13.04
N TYR A 587 -12.54 21.77 -12.98
CA TYR A 587 -11.33 22.47 -12.55
C TYR A 587 -10.91 22.04 -11.15
N GLU A 588 -11.86 21.55 -10.36
CA GLU A 588 -11.51 21.05 -9.04
C GLU A 588 -11.08 19.58 -9.10
N THR A 589 -11.70 18.80 -9.99
CA THR A 589 -11.36 17.39 -10.11
C THR A 589 -9.90 17.22 -10.49
N LEU A 590 -9.37 18.09 -11.34
CA LEU A 590 -7.94 18.08 -11.62
C LEU A 590 -7.15 18.35 -10.34
N ALA A 591 -7.54 19.38 -9.58
CA ALA A 591 -6.73 19.84 -8.48
C ALA A 591 -6.55 18.75 -7.42
N ARG A 592 -7.58 17.96 -7.18
CA ARG A 592 -7.44 16.83 -6.26
C ARG A 592 -6.65 15.70 -6.91
N ASP A 593 -6.88 15.45 -8.20
CA ASP A 593 -6.26 14.30 -8.84
C ASP A 593 -4.74 14.37 -8.80
N ARG A 594 -4.18 15.58 -8.97
CA ARG A 594 -2.74 15.75 -8.84
C ARG A 594 -2.25 15.18 -7.52
N LEU A 595 -2.93 15.51 -6.41
CA LEU A 595 -2.55 14.96 -5.12
C LEU A 595 -2.48 13.44 -5.17
N CYS A 596 -3.51 12.81 -5.75
CA CYS A 596 -3.52 11.35 -5.85
C CYS A 596 -2.22 10.84 -6.46
N LEU A 597 -1.73 11.52 -7.51
CA LEU A 597 -0.50 11.08 -8.16
C LEU A 597 0.62 10.94 -7.14
N MET A 598 0.85 11.97 -6.34
CA MET A 598 1.93 11.89 -5.36
C MET A 598 1.76 10.68 -4.46
N MET A 599 0.53 10.42 -4.00
CA MET A 599 0.31 9.30 -3.09
C MET A 599 0.77 8.00 -3.73
N ALA A 600 0.51 7.83 -5.03
CA ALA A 600 0.92 6.60 -5.69
C ALA A 600 2.42 6.38 -5.56
N GLN A 601 3.21 7.45 -5.71
CA GLN A 601 4.65 7.32 -5.61
C GLN A 601 5.04 6.76 -4.26
N TYR A 602 4.37 7.19 -3.19
CA TYR A 602 4.76 6.75 -1.85
C TYR A 602 4.55 5.26 -1.69
N PHE A 603 3.71 4.65 -2.53
CA PHE A 603 3.45 3.23 -2.38
C PHE A 603 4.49 2.38 -3.13
N LEU A 604 5.32 3.02 -3.95
CA LEU A 604 6.36 2.26 -4.63
C LEU A 604 7.75 2.59 -4.08
N GLY A 605 8.01 3.86 -3.79
CA GLY A 605 9.34 4.24 -3.33
C GLY A 605 9.63 3.74 -1.92
N SER A 606 8.59 3.32 -1.19
CA SER A 606 8.79 2.91 0.19
C SER A 606 9.12 1.42 0.29
N VAL A 607 9.28 0.75 -0.84
CA VAL A 607 9.58 -0.69 -0.82
C VAL A 607 10.91 -0.95 -0.13
N ARG A 608 11.92 -0.13 -0.41
CA ARG A 608 13.24 -0.26 0.18
C ARG A 608 13.37 0.72 1.33
N LYS A 609 14.02 0.30 2.41
CA LYS A 609 14.18 1.19 3.56
C LYS A 609 15.48 1.99 3.46
N GLU A 610 16.58 1.34 3.05
CA GLU A 610 17.87 2.00 3.02
C GLU A 610 17.87 3.18 2.05
N LEU A 611 17.72 2.92 0.76
CA LEU A 611 17.54 3.99 -0.21
C LEU A 611 16.06 4.36 -0.29
N GLY A 612 15.72 5.11 -1.34
CA GLY A 612 14.35 5.52 -1.54
C GLY A 612 13.98 6.85 -0.95
N ASN A 613 14.86 7.43 -0.13
CA ASN A 613 14.62 8.80 0.33
C ASN A 613 15.41 9.80 -0.52
N LYS A 614 16.59 9.39 -1.00
CA LYS A 614 17.37 10.27 -1.87
C LYS A 614 16.88 10.18 -3.31
N ILE A 615 16.03 9.18 -3.60
CA ILE A 615 15.56 8.96 -4.96
C ILE A 615 14.72 10.14 -5.43
N VAL A 616 14.91 10.52 -6.68
CA VAL A 616 14.17 11.64 -7.29
C VAL A 616 13.40 11.10 -8.49
N TRP A 617 12.12 11.46 -8.57
CA TRP A 617 11.24 11.03 -9.65
C TRP A 617 11.33 12.02 -10.80
N SER A 618 11.31 11.51 -12.02
CA SER A 618 11.34 12.35 -13.21
C SER A 618 10.79 11.58 -14.41
N ASN A 619 9.65 12.06 -14.93
CA ASN A 619 9.09 11.64 -16.23
C ASN A 619 9.16 10.13 -16.44
N ASP A 620 8.47 9.38 -15.59
CA ASP A 620 8.28 7.93 -15.70
C ASP A 620 9.57 7.14 -15.47
N SER A 621 10.61 7.79 -14.96
CA SER A 621 11.84 7.11 -14.56
C SER A 621 12.04 7.35 -13.08
N ILE A 622 13.01 6.66 -12.49
CA ILE A 622 13.39 6.88 -11.11
C ILE A 622 14.91 6.98 -11.03
N GLU A 623 15.42 8.15 -10.66
CA GLU A 623 16.86 8.41 -10.72
C GLU A 623 17.43 8.53 -9.32
N LEU A 624 18.61 7.93 -9.14
CA LEU A 624 19.38 7.99 -7.92
C LEU A 624 20.60 8.88 -8.15
N PRO A 625 20.66 10.05 -7.51
CA PRO A 625 21.76 10.98 -7.78
C PRO A 625 22.99 10.74 -6.91
N VAL A 626 24.16 10.66 -7.54
CA VAL A 626 25.45 10.61 -6.87
C VAL A 626 26.19 11.90 -7.20
N GLU A 627 26.62 12.62 -6.16
CA GLU A 627 27.24 13.91 -6.38
C GLU A 627 28.52 13.80 -7.21
N GLY A 628 29.52 13.10 -6.69
CA GLY A 628 30.80 13.02 -7.39
C GLY A 628 31.42 14.40 -7.49
N SER A 629 31.52 14.89 -8.73
CA SER A 629 31.97 16.27 -8.95
C SER A 629 30.90 17.25 -8.48
N VAL A 630 31.27 18.53 -8.41
CA VAL A 630 30.31 19.56 -8.03
C VAL A 630 29.15 19.57 -9.02
N GLY A 631 29.45 19.50 -10.32
CA GLY A 631 28.41 19.20 -11.28
C GLY A 631 27.97 17.76 -11.17
N ASN A 632 26.65 17.58 -11.06
CA ASN A 632 26.07 16.27 -10.83
C ASN A 632 25.79 15.58 -12.16
N GLU A 633 26.61 14.58 -12.50
CA GLU A 633 26.40 13.77 -13.68
C GLU A 633 26.45 12.28 -13.38
N LYS A 634 26.71 11.89 -12.13
CA LYS A 634 26.89 10.47 -11.82
C LYS A 634 25.56 9.81 -11.50
N SER A 635 24.44 10.43 -11.88
CA SER A 635 23.14 9.87 -11.59
C SER A 635 22.94 8.52 -12.28
N ILE A 636 22.19 7.63 -11.62
CA ILE A 636 21.86 6.32 -12.17
C ILE A 636 20.36 6.26 -12.38
N VAL A 637 19.92 5.48 -13.36
CA VAL A 637 18.53 5.48 -13.80
C VAL A 637 17.95 4.07 -13.65
N PHE A 638 16.80 3.99 -12.97
CA PHE A 638 16.00 2.77 -12.87
C PHE A 638 14.68 3.00 -13.60
N SER A 639 14.16 1.94 -14.20
CA SER A 639 12.76 1.92 -14.60
C SER A 639 11.89 1.55 -13.39
N VAL A 640 10.57 1.54 -13.61
CA VAL A 640 9.67 1.11 -12.56
C VAL A 640 9.88 -0.37 -12.24
N SER A 641 9.97 -1.20 -13.28
CA SER A 641 10.13 -2.64 -13.08
C SER A 641 11.50 -2.97 -12.48
N ASP A 642 12.54 -2.26 -12.91
CA ASP A 642 13.88 -2.50 -12.37
C ASP A 642 13.94 -2.20 -10.87
N TYR A 643 13.28 -1.12 -10.44
CA TYR A 643 13.32 -0.77 -9.03
C TYR A 643 12.64 -1.82 -8.16
N GLY A 644 11.64 -2.51 -8.72
CA GLY A 644 11.15 -3.70 -8.07
C GLY A 644 12.30 -4.62 -7.74
N LYS A 645 12.31 -5.14 -6.51
CA LYS A 645 13.53 -5.68 -5.93
C LYS A 645 13.92 -6.95 -6.66
N LEU A 646 14.70 -6.80 -7.73
CA LEU A 646 15.39 -7.93 -8.33
C LEU A 646 16.55 -8.34 -7.43
N TYR A 647 17.11 -9.51 -7.73
CA TYR A 647 18.23 -9.98 -6.91
C TYR A 647 19.48 -9.13 -7.12
N VAL A 648 19.52 -8.37 -8.23
CA VAL A 648 20.73 -7.60 -8.54
C VAL A 648 20.80 -6.35 -7.66
N LEU A 649 19.67 -5.90 -7.12
CA LEU A 649 19.66 -4.66 -6.37
C LEU A 649 20.33 -4.81 -5.01
N ASP A 650 20.84 -3.70 -4.47
CA ASP A 650 21.60 -3.68 -3.24
C ASP A 650 21.37 -2.37 -2.50
N ASP A 651 22.29 -2.05 -1.59
CA ASP A 651 22.20 -0.85 -0.79
C ASP A 651 22.69 0.38 -1.54
N ALA A 652 22.90 1.48 -0.81
CA ALA A 652 23.09 2.78 -1.45
C ALA A 652 24.57 3.13 -1.60
N GLU A 653 25.29 3.29 -0.48
CA GLU A 653 26.63 3.86 -0.54
C GLU A 653 27.61 2.95 -1.28
N PHE A 654 27.31 1.64 -1.31
CA PHE A 654 28.14 0.71 -2.05
C PHE A 654 28.16 1.06 -3.54
N LEU A 655 27.03 1.52 -4.08
CA LEU A 655 26.98 1.93 -5.47
C LEU A 655 27.91 3.11 -5.74
N GLY A 656 27.86 4.12 -4.87
CA GLY A 656 28.76 5.26 -5.04
C GLY A 656 30.22 4.86 -4.93
N ARG A 657 30.53 3.96 -4.00
CA ARG A 657 31.91 3.52 -3.86
C ARG A 657 32.39 2.76 -5.09
N ILE A 658 31.57 1.85 -5.62
CA ILE A 658 31.98 1.06 -6.77
C ILE A 658 32.09 1.94 -8.01
N CYS A 659 31.29 3.02 -8.06
CA CYS A 659 31.44 3.96 -9.17
C CYS A 659 32.71 4.78 -9.02
N GLU A 660 33.06 5.16 -7.79
CA GLU A 660 34.25 5.98 -7.58
C GLU A 660 35.53 5.20 -7.88
N TYR A 661 35.63 3.98 -7.36
CA TYR A 661 36.90 3.25 -7.46
C TYR A 661 37.06 2.57 -8.81
N PHE A 662 35.96 2.25 -9.47
CA PHE A 662 35.99 1.52 -10.73
C PHE A 662 35.24 2.31 -11.80
N MET A 663 35.78 2.28 -13.01
CA MET A 663 35.19 2.93 -14.19
C MET A 663 34.95 4.42 -13.93
N PRO A 664 36.01 5.23 -13.83
CA PRO A 664 35.79 6.66 -13.56
C PRO A 664 35.45 7.46 -14.80
N HIS A 665 35.85 7.00 -15.98
CA HIS A 665 35.79 7.84 -17.18
C HIS A 665 34.35 8.17 -17.57
N GLU A 666 33.44 7.19 -17.49
CA GLU A 666 32.08 7.42 -17.94
C GLU A 666 31.37 8.46 -17.08
N LYS A 667 30.71 9.40 -17.75
CA LYS A 667 29.98 10.47 -17.08
C LYS A 667 28.63 10.65 -17.77
N GLY A 668 27.71 11.28 -17.05
CA GLY A 668 26.35 11.43 -17.53
C GLY A 668 25.42 10.37 -16.97
N LYS A 669 24.17 10.43 -17.41
CA LYS A 669 23.17 9.48 -16.93
C LYS A 669 23.51 8.07 -17.39
N ILE A 670 23.49 7.13 -16.44
CA ILE A 670 23.96 5.76 -16.68
C ILE A 670 22.80 4.80 -16.43
N ARG A 671 22.52 3.96 -17.41
CA ARG A 671 21.59 2.87 -17.21
C ARG A 671 22.19 1.85 -16.25
N TYR A 672 21.38 1.36 -15.30
CA TYR A 672 21.91 0.53 -14.23
C TYR A 672 22.49 -0.77 -14.77
N HIS A 673 22.03 -1.21 -15.94
CA HIS A 673 22.58 -2.42 -16.53
C HIS A 673 24.07 -2.27 -16.82
N THR A 674 24.49 -1.07 -17.25
CA THR A 674 25.91 -0.85 -17.53
C THR A 674 26.76 -1.01 -16.28
N VAL A 675 26.31 -0.42 -15.17
CA VAL A 675 27.05 -0.57 -13.91
C VAL A 675 27.06 -2.02 -13.48
N TYR A 676 25.92 -2.71 -13.62
CA TYR A 676 25.86 -4.12 -13.23
C TYR A 676 26.84 -4.96 -14.04
N GLU A 677 26.96 -4.69 -15.34
CA GLU A 677 27.80 -5.53 -16.17
C GLU A 677 29.27 -5.12 -16.09
N LYS A 678 29.55 -3.90 -15.62
CA LYS A 678 30.93 -3.46 -15.56
C LYS A 678 31.54 -3.66 -14.18
N GLY A 679 30.96 -3.04 -13.15
CA GLY A 679 31.62 -2.99 -11.86
C GLY A 679 31.71 -4.33 -11.16
N PHE A 680 30.66 -5.14 -11.26
CA PHE A 680 30.63 -6.40 -10.52
C PHE A 680 31.69 -7.37 -11.02
N ARG A 681 31.94 -7.38 -12.33
CA ARG A 681 32.97 -8.27 -12.86
C ARG A 681 34.34 -7.91 -12.31
N ALA A 682 34.68 -6.61 -12.29
CA ALA A 682 35.94 -6.19 -11.71
C ALA A 682 36.02 -6.53 -10.23
N TYR A 683 34.92 -6.34 -9.50
CA TYR A 683 34.93 -6.67 -8.08
C TYR A 683 35.21 -8.15 -7.86
N ASN A 684 34.55 -9.02 -8.62
CA ASN A 684 34.75 -10.45 -8.46
C ASN A 684 36.17 -10.85 -8.83
N ASP A 685 36.69 -10.33 -9.95
CA ASP A 685 38.03 -10.70 -10.39
C ASP A 685 39.07 -10.28 -9.38
N LEU A 686 38.91 -9.08 -8.79
CA LEU A 686 39.82 -8.67 -7.72
C LEU A 686 39.69 -9.56 -6.50
N GLN A 687 38.45 -9.84 -6.08
CA GLN A 687 38.23 -10.49 -4.79
C GLN A 687 38.74 -11.92 -4.78
N LYS A 688 38.54 -12.66 -5.88
CA LYS A 688 39.00 -14.05 -5.90
C LYS A 688 40.51 -14.14 -5.73
N LYS A 689 41.25 -13.33 -6.49
CA LYS A 689 42.70 -13.34 -6.40
C LYS A 689 43.18 -12.86 -5.04
N CYS A 690 42.48 -11.89 -4.44
CA CYS A 690 42.87 -11.43 -3.12
C CYS A 690 42.67 -12.52 -2.07
N VAL A 691 41.51 -13.18 -2.09
CA VAL A 691 41.18 -14.14 -1.03
C VAL A 691 42.06 -15.38 -1.13
N GLU A 692 42.34 -15.85 -2.35
CA GLU A 692 43.21 -17.01 -2.48
C GLU A 692 44.60 -16.70 -1.93
N ALA A 693 45.12 -15.52 -2.24
CA ALA A 693 46.44 -15.12 -1.74
C ALA A 693 46.45 -15.03 -0.22
N VAL A 694 45.41 -14.43 0.37
CA VAL A 694 45.42 -14.28 1.83
C VAL A 694 45.31 -15.64 2.50
N LEU A 695 44.53 -16.56 1.92
CA LEU A 695 44.44 -17.91 2.48
C LEU A 695 45.78 -18.64 2.40
N ALA A 696 46.47 -18.50 1.26
CA ALA A 696 47.79 -19.13 1.15
C ALA A 696 48.77 -18.55 2.16
N PHE A 697 48.73 -17.23 2.35
CA PHE A 697 49.59 -16.61 3.35
C PHE A 697 49.28 -17.12 4.74
N GLU A 698 47.99 -17.27 5.07
CA GLU A 698 47.62 -17.79 6.39
C GLU A 698 48.16 -19.20 6.58
N GLU A 699 48.01 -20.05 5.56
CA GLU A 699 48.52 -21.41 5.68
C GLU A 699 50.04 -21.42 5.87
N LYS A 700 50.76 -20.61 5.08
CA LYS A 700 52.21 -20.61 5.17
C LYS A 700 52.69 -20.09 6.53
N VAL A 701 52.06 -19.04 7.05
CA VAL A 701 52.48 -18.50 8.34
C VAL A 701 52.13 -19.46 9.46
N VAL A 702 51.00 -20.18 9.33
CA VAL A 702 50.66 -21.20 10.32
C VAL A 702 51.72 -22.30 10.33
N LYS A 703 52.16 -22.73 9.14
CA LYS A 703 53.22 -23.74 9.09
C LYS A 703 54.52 -23.21 9.68
N ALA A 704 54.85 -21.95 9.40
CA ALA A 704 56.13 -21.41 9.85
C ALA A 704 56.15 -21.18 11.35
N LYS A 705 54.99 -20.86 11.95
CA LYS A 705 54.96 -20.53 13.36
C LYS A 705 55.40 -21.70 14.23
N LYS A 706 54.93 -22.91 13.91
CA LYS A 706 55.25 -24.11 14.69
C LYS A 706 54.94 -23.94 16.18
N ASP A 717 42.75 -17.62 13.64
CA ASP A 717 41.42 -17.27 14.13
C ASP A 717 41.46 -15.94 14.88
N PHE A 718 40.51 -15.07 14.55
CA PHE A 718 40.40 -13.75 15.18
C PHE A 718 41.71 -12.95 15.05
N ARG A 719 42.27 -12.94 13.85
CA ARG A 719 43.42 -12.12 13.52
C ARG A 719 44.62 -12.43 14.40
N GLU A 720 44.76 -13.69 14.80
CA GLU A 720 45.88 -14.07 15.67
C GLU A 720 47.21 -13.94 14.94
N ILE A 721 47.23 -14.29 13.65
CA ILE A 721 48.47 -14.17 12.88
C ILE A 721 48.83 -12.70 12.69
N LEU A 722 47.84 -11.88 12.29
CA LEU A 722 48.10 -10.46 12.10
C LEU A 722 48.54 -9.80 13.40
N ALA A 723 48.03 -10.30 14.53
CA ALA A 723 48.51 -9.82 15.83
C ALA A 723 49.95 -10.26 16.06
N GLN A 724 50.30 -11.48 15.64
CA GLN A 724 51.67 -11.96 15.84
C GLN A 724 52.67 -11.17 14.99
N THR A 725 52.22 -10.63 13.87
CA THR A 725 53.12 -9.89 12.99
C THR A 725 53.71 -8.68 13.69
N MET A 726 54.97 -8.38 13.37
CA MET A 726 55.67 -7.26 14.00
C MET A 726 55.16 -5.93 13.46
N CYS A 727 54.33 -5.96 12.42
CA CYS A 727 53.76 -4.74 11.87
C CYS A 727 52.98 -3.97 12.93
N LYS A 728 52.80 -2.68 12.67
CA LYS A 728 52.09 -1.83 13.63
C LYS A 728 50.64 -2.25 13.78
N GLU A 729 50.07 -1.98 14.95
CA GLU A 729 48.68 -2.35 15.22
C GLU A 729 47.73 -1.69 14.24
N ALA A 730 48.05 -0.47 13.82
CA ALA A 730 47.26 0.16 12.76
C ALA A 730 47.31 -0.66 11.48
N GLU A 731 48.48 -1.21 11.15
CA GLU A 731 48.59 -2.04 9.95
C GLU A 731 47.86 -3.37 10.13
N LYS A 732 47.86 -3.93 11.35
CA LYS A 732 47.07 -5.12 11.61
C LYS A 732 45.59 -4.84 11.39
N THR A 733 45.10 -3.72 11.92
CA THR A 733 43.71 -3.34 11.71
C THR A 733 43.44 -3.14 10.22
N ALA A 734 44.38 -2.54 9.50
CA ALA A 734 44.20 -2.32 8.07
C ALA A 734 44.06 -3.65 7.33
N VAL A 735 44.94 -4.61 7.61
CA VAL A 735 44.92 -5.85 6.84
C VAL A 735 43.68 -6.68 7.18
N ASN A 736 43.32 -6.78 8.47
CA ASN A 736 42.13 -7.54 8.80
C ASN A 736 40.87 -6.85 8.29
N LYS A 737 40.87 -5.51 8.29
CA LYS A 737 39.74 -4.77 7.74
C LYS A 737 39.60 -5.01 6.25
N VAL A 738 40.71 -5.01 5.52
CA VAL A 738 40.66 -5.27 4.08
C VAL A 738 40.15 -6.69 3.83
N ALA A 739 40.62 -7.66 4.61
CA ALA A 739 40.15 -9.03 4.44
C ALA A 739 38.65 -9.14 4.71
N ARG A 740 38.20 -8.58 5.83
CA ARG A 740 36.80 -8.75 6.22
C ARG A 740 35.87 -7.95 5.31
N ALA A 741 36.39 -6.89 4.67
CA ALA A 741 35.57 -6.15 3.73
C ALA A 741 35.23 -6.99 2.51
N PHE A 742 36.23 -7.62 1.90
CA PHE A 742 35.97 -8.51 0.78
C PHE A 742 35.17 -9.73 1.22
N PHE A 743 35.36 -10.16 2.47
CA PHE A 743 34.54 -11.26 2.99
C PHE A 743 33.08 -10.86 3.09
N ALA A 744 32.80 -9.63 3.51
CA ALA A 744 31.43 -9.23 3.79
C ALA A 744 30.75 -8.63 2.57
N HIS A 745 31.42 -8.66 1.42
CA HIS A 745 30.90 -8.23 0.12
C HIS A 745 30.67 -6.73 0.06
N HIS A 746 31.13 -5.96 1.05
CA HIS A 746 31.03 -4.51 1.04
C HIS A 746 32.41 -3.93 1.29
N LEU A 747 32.72 -2.83 0.60
CA LEU A 747 34.03 -2.19 0.72
C LEU A 747 33.86 -0.80 1.30
N LYS A 748 34.66 -0.48 2.31
CA LYS A 748 34.69 0.84 2.93
C LYS A 748 36.11 1.28 3.26
N PHE A 749 37.12 0.50 2.87
CA PHE A 749 38.49 0.80 3.24
C PHE A 749 39.02 2.00 2.48
N VAL A 750 39.97 2.71 3.10
CA VAL A 750 40.65 3.81 2.42
C VAL A 750 41.68 3.25 1.45
N ILE A 751 42.20 4.14 0.60
CA ILE A 751 43.06 3.72 -0.50
C ILE A 751 44.39 3.17 0.01
N ASP A 752 44.94 3.77 1.06
CA ASP A 752 46.31 3.44 1.47
C ASP A 752 46.40 2.04 2.06
N GLU A 753 45.28 1.49 2.54
CA GLU A 753 45.32 0.19 3.20
C GLU A 753 45.70 -0.92 2.23
N PHE A 754 45.27 -0.81 0.96
CA PHE A 754 45.52 -1.89 0.02
C PHE A 754 47.00 -1.99 -0.33
N GLY A 755 47.70 -0.85 -0.39
CA GLY A 755 49.13 -0.91 -0.61
C GLY A 755 49.87 -1.58 0.54
N LEU A 756 49.46 -1.30 1.77
CA LEU A 756 50.05 -1.97 2.92
C LEU A 756 49.79 -3.47 2.88
N PHE A 757 48.56 -3.85 2.52
CA PHE A 757 48.25 -5.27 2.39
C PHE A 757 49.09 -5.92 1.30
N SER A 758 49.32 -5.21 0.20
CA SER A 758 50.14 -5.75 -0.88
C SER A 758 51.58 -5.96 -0.43
N ASP A 759 52.17 -4.97 0.25
CA ASP A 759 53.57 -5.09 0.61
C ASP A 759 53.78 -6.14 1.70
N VAL A 760 52.87 -6.20 2.68
CA VAL A 760 53.03 -7.20 3.73
C VAL A 760 52.85 -8.60 3.16
N MET A 761 51.98 -8.76 2.17
CA MET A 761 51.85 -10.03 1.47
C MET A 761 53.12 -10.36 0.69
N LYS A 762 53.73 -9.34 0.08
CA LYS A 762 54.99 -9.53 -0.63
C LYS A 762 56.10 -9.97 0.33
N LYS A 763 56.03 -9.52 1.59
CA LYS A 763 57.06 -9.87 2.56
C LYS A 763 57.18 -11.38 2.73
N TYR A 764 56.05 -12.09 2.68
CA TYR A 764 56.08 -13.54 2.87
C TYR A 764 56.55 -14.26 1.62
N GLY A 765 56.69 -13.53 0.51
CA GLY A 765 57.27 -14.09 -0.69
C GLY A 765 56.31 -14.51 -1.77
N ILE A 766 55.00 -14.33 -1.57
CA ILE A 766 54.01 -14.63 -2.59
C ILE A 766 53.39 -13.31 -3.05
N GLU A 767 53.54 -13.02 -4.34
CA GLU A 767 53.11 -11.73 -4.89
C GLU A 767 52.31 -11.96 -6.17
N LYS A 768 51.20 -11.25 -6.28
CA LYS A 768 50.38 -11.22 -7.50
C LYS A 768 49.76 -9.84 -7.62
N GLU A 769 49.63 -9.36 -8.86
CA GLU A 769 49.15 -8.02 -9.13
C GLU A 769 47.70 -8.09 -9.61
N TRP A 770 46.86 -7.24 -9.03
CA TRP A 770 45.43 -7.21 -9.35
C TRP A 770 44.99 -5.92 -10.00
N LYS A 771 45.91 -4.97 -10.23
CA LYS A 771 45.61 -3.63 -10.74
C LYS A 771 44.33 -3.05 -10.15
N PHE A 772 44.30 -2.91 -8.81
CA PHE A 772 43.16 -2.30 -8.16
C PHE A 772 43.10 -0.78 -8.31
N PRO A 773 44.12 0.00 -7.94
CA PRO A 773 43.97 1.46 -8.03
C PRO A 773 43.91 1.91 -9.48
N VAL A 774 43.27 3.06 -9.69
CA VAL A 774 43.11 3.74 -10.98
C VAL A 774 42.72 2.74 -12.08
N LYS A 775 41.95 1.73 -11.69
CA LYS A 775 41.50 0.72 -12.64
C LYS A 775 40.45 1.29 -13.59
#